data_3U1W
#
_entry.id   3U1W
#
_cell.length_a   119.258
_cell.length_b   152.840
_cell.length_c   165.691
_cell.angle_alpha   90.000
_cell.angle_beta   90.000
_cell.angle_gamma   90.000
#
_symmetry.space_group_name_H-M   'I 2 2 2'
#
loop_
_entity.id
_entity.type
_entity.pdbx_description
1 polymer 'Hypothetical PERIPLASMIC PROTEIN'
2 non-polymer 'CALCIUM ION'
3 non-polymer 'CHLORIDE ION'
4 non-polymer 'ACETATE ION'
5 non-polymer 1,2-ETHANEDIOL
6 water water
#
_entity_poly.entity_id   1
_entity_poly.type   'polypeptide(L)'
_entity_poly.pdbx_seq_one_letter_code
;GDDHQGIIPLPPVENAFQEKYPDAKNPVFEIEGNYYVVDFNNGGSETTAWFTDQGIW(MSE)(MSE)EKIDISFAQLPAA
VSTAFKQSFYSNWTVDDTYAINRLN(MSE)GIVYKIEAEQSNSEVDLYYSQYGNLIKAVDDEINNDAPIVIPKEVSNL
(MSE)EITFANAELLDIQQNSLGYELD(MSE)IDNQIYKVAQLNKDYRWQSTTWA(MSE)SEQEVPQIV(MSE)QGFESS
AYASDKVQSIYTLLNANGTFYLFKVSHNGQDKTITFDVFGNIV
;
_entity_poly.pdbx_strand_id   A,B,C
#
# COMPACT_ATOMS: atom_id res chain seq x y z
N GLN A 5 -8.34 -47.48 -10.10
CA GLN A 5 -7.91 -46.55 -11.17
C GLN A 5 -6.67 -45.74 -10.78
N GLY A 6 -6.06 -45.09 -11.78
CA GLY A 6 -4.81 -44.37 -11.55
C GLY A 6 -3.68 -45.38 -11.52
N ILE A 7 -2.46 -44.91 -11.33
CA ILE A 7 -1.28 -45.79 -11.31
C ILE A 7 -0.92 -46.18 -9.88
N ILE A 8 -0.01 -47.16 -9.76
CA ILE A 8 0.48 -47.64 -8.47
C ILE A 8 1.66 -46.80 -8.07
N PRO A 9 1.62 -46.17 -6.89
CA PRO A 9 2.74 -45.33 -6.52
C PRO A 9 3.96 -46.15 -6.05
N LEU A 10 5.13 -45.57 -6.23
CA LEU A 10 6.36 -46.18 -5.77
C LEU A 10 6.28 -46.29 -4.25
N PRO A 11 6.87 -47.34 -3.66
CA PRO A 11 6.71 -47.51 -2.20
C PRO A 11 7.10 -46.29 -1.33
N PRO A 12 8.19 -45.58 -1.66
CA PRO A 12 8.49 -44.41 -0.84
C PRO A 12 7.44 -43.30 -0.99
N VAL A 13 6.76 -43.26 -2.14
CA VAL A 13 5.72 -42.27 -2.36
C VAL A 13 4.52 -42.69 -1.52
N GLU A 14 4.11 -43.95 -1.66
CA GLU A 14 2.98 -44.47 -0.87
C GLU A 14 3.23 -44.26 0.62
N ASN A 15 4.44 -44.58 1.09
CA ASN A 15 4.75 -44.41 2.51
C ASN A 15 4.69 -42.95 2.97
N ALA A 16 5.29 -42.03 2.21
CA ALA A 16 5.23 -40.61 2.59
C ALA A 16 3.78 -40.13 2.55
N PHE A 17 3.01 -40.58 1.56
CA PHE A 17 1.61 -40.20 1.45
C PHE A 17 0.80 -40.68 2.66
N GLN A 18 0.91 -41.97 2.98
CA GLN A 18 0.18 -42.52 4.13
C GLN A 18 0.63 -41.88 5.45
N GLU A 19 1.90 -41.52 5.56
CA GLU A 19 2.35 -40.89 6.79
C GLU A 19 1.78 -39.48 6.93
N LYS A 20 1.74 -38.71 5.85
CA LYS A 20 1.24 -37.33 5.94
C LYS A 20 -0.27 -37.26 5.99
N TYR A 21 -0.95 -38.14 5.27
CA TYR A 21 -2.40 -38.11 5.20
C TYR A 21 -3.02 -39.45 5.64
N PRO A 22 -2.86 -39.80 6.93
CA PRO A 22 -3.37 -41.08 7.42
C PRO A 22 -4.88 -41.27 7.21
N ASP A 23 -5.65 -40.19 7.21
CA ASP A 23 -7.11 -40.27 7.01
C ASP A 23 -7.58 -40.19 5.56
N ALA A 24 -6.65 -40.14 4.59
CA ALA A 24 -7.00 -40.06 3.17
C ALA A 24 -8.03 -41.10 2.78
N LYS A 25 -8.87 -40.79 1.79
CA LYS A 25 -9.85 -41.73 1.26
C LYS A 25 -9.91 -41.64 -0.25
N ASN A 26 -10.11 -42.79 -0.91
CA ASN A 26 -10.19 -42.85 -2.38
C ASN A 26 -9.00 -42.19 -3.10
N PRO A 27 -7.78 -42.46 -2.63
CA PRO A 27 -6.64 -41.86 -3.31
C PRO A 27 -6.48 -42.39 -4.72
N VAL A 28 -6.16 -41.51 -5.66
CA VAL A 28 -5.89 -41.89 -7.03
C VAL A 28 -4.61 -41.20 -7.44
N PHE A 29 -3.60 -41.96 -7.80
CA PHE A 29 -2.32 -41.42 -8.22
C PHE A 29 -2.15 -41.35 -9.71
N GLU A 30 -1.36 -40.39 -10.16
CA GLU A 30 -0.97 -40.23 -11.54
C GLU A 30 0.39 -39.59 -11.55
N ILE A 31 1.06 -39.64 -12.70
CA ILE A 31 2.34 -39.00 -12.85
C ILE A 31 2.13 -37.75 -13.72
N GLU A 32 2.53 -36.59 -13.23
CA GLU A 32 2.41 -35.34 -13.98
C GLU A 32 3.74 -34.66 -13.90
N GLY A 33 4.47 -34.67 -15.02
CA GLY A 33 5.81 -34.10 -15.06
C GLY A 33 6.71 -34.94 -14.18
N ASN A 34 7.47 -34.28 -13.31
CA ASN A 34 8.39 -35.00 -12.42
C ASN A 34 7.78 -35.42 -11.09
N TYR A 35 6.46 -35.42 -10.97
CA TYR A 35 5.82 -35.70 -9.69
C TYR A 35 4.75 -36.76 -9.71
N TYR A 36 4.59 -37.41 -8.56
CA TYR A 36 3.50 -38.34 -8.32
C TYR A 36 2.45 -37.44 -7.71
N VAL A 37 1.28 -37.38 -8.36
CA VAL A 37 0.20 -36.53 -7.92
C VAL A 37 -0.97 -37.37 -7.48
N VAL A 38 -1.53 -37.09 -6.30
CA VAL A 38 -2.62 -37.89 -5.77
C VAL A 38 -3.85 -37.03 -5.45
N ASP A 39 -5.01 -37.42 -5.99
CA ASP A 39 -6.29 -36.77 -5.67
C ASP A 39 -6.97 -37.64 -4.64
N PHE A 40 -7.52 -37.03 -3.60
CA PHE A 40 -8.13 -37.79 -2.53
C PHE A 40 -9.00 -36.92 -1.65
N ASN A 41 -9.81 -37.59 -0.81
CA ASN A 41 -10.68 -36.94 0.16
CA ASN A 41 -10.67 -36.93 0.15
C ASN A 41 -10.02 -36.99 1.53
N ASN A 42 -9.93 -35.85 2.20
CA ASN A 42 -9.28 -35.74 3.50
C ASN A 42 -10.15 -34.97 4.46
N GLY A 43 -10.79 -35.67 5.40
CA GLY A 43 -11.68 -35.03 6.35
C GLY A 43 -12.82 -34.33 5.65
N GLY A 44 -13.31 -34.94 4.55
CA GLY A 44 -14.39 -34.37 3.76
C GLY A 44 -13.98 -33.30 2.75
N SER A 45 -12.69 -32.96 2.67
CA SER A 45 -12.21 -31.95 1.71
C SER A 45 -11.38 -32.55 0.58
N GLU A 46 -11.78 -32.29 -0.67
CA GLU A 46 -11.04 -32.73 -1.85
C GLU A 46 -9.68 -32.09 -1.81
N THR A 47 -8.66 -32.93 -1.91
CA THR A 47 -7.29 -32.50 -1.83
C THR A 47 -6.45 -33.16 -2.89
N THR A 48 -5.44 -32.44 -3.36
CA THR A 48 -4.43 -32.95 -4.27
C THR A 48 -3.07 -32.73 -3.60
N ALA A 49 -2.19 -33.73 -3.69
CA ALA A 49 -0.84 -33.60 -3.14
C ALA A 49 0.19 -34.08 -4.16
N TRP A 50 1.36 -33.44 -4.15
CA TRP A 50 2.45 -33.72 -5.09
C TRP A 50 3.67 -34.23 -4.32
N PHE A 51 4.24 -35.34 -4.78
CA PHE A 51 5.45 -35.92 -4.21
C PHE A 51 6.48 -36.14 -5.28
N THR A 52 7.76 -36.05 -4.93
CA THR A 52 8.83 -36.38 -5.85
C THR A 52 8.93 -37.91 -5.92
N ASP A 53 9.71 -38.43 -6.87
CA ASP A 53 10.00 -39.88 -7.00
C ASP A 53 10.40 -40.53 -5.68
N GLN A 54 11.20 -39.80 -4.90
CA GLN A 54 11.75 -40.29 -3.64
C GLN A 54 10.76 -40.16 -2.50
N GLY A 55 9.57 -39.67 -2.77
CA GLY A 55 8.55 -39.53 -1.74
C GLY A 55 8.63 -38.25 -0.93
N ILE A 56 9.30 -37.22 -1.44
CA ILE A 56 9.37 -35.95 -0.74
C ILE A 56 8.14 -35.14 -1.10
N TRP A 57 7.37 -34.79 -0.08
CA TRP A 57 6.16 -33.99 -0.25
C TRP A 57 6.55 -32.60 -0.71
N GLU A 60 0.38 -29.24 -1.62
CA GLU A 60 -0.99 -29.69 -1.51
C GLU A 60 -1.90 -28.54 -1.94
N LYS A 61 -3.07 -28.91 -2.45
CA LYS A 61 -4.06 -27.95 -2.90
C LYS A 61 -5.36 -28.49 -2.35
N ILE A 62 -6.01 -27.67 -1.53
CA ILE A 62 -7.21 -28.07 -0.83
C ILE A 62 -8.40 -27.23 -1.27
N ASP A 63 -9.50 -27.91 -1.56
CA ASP A 63 -10.72 -27.28 -1.96
C ASP A 63 -11.39 -26.73 -0.71
N ILE A 64 -11.65 -25.43 -0.69
CA ILE A 64 -12.31 -24.80 0.45
C ILE A 64 -13.46 -23.95 -0.05
N SER A 65 -14.32 -23.54 0.85
CA SER A 65 -15.43 -22.65 0.51
C SER A 65 -14.97 -21.23 0.69
N PHE A 66 -15.71 -20.30 0.11
CA PHE A 66 -15.37 -18.88 0.24
C PHE A 66 -15.39 -18.48 1.72
N ALA A 67 -16.35 -19.03 2.46
CA ALA A 67 -16.51 -18.77 3.91
C ALA A 67 -15.31 -19.21 4.74
N GLN A 68 -14.52 -20.15 4.24
CA GLN A 68 -13.31 -20.62 4.95
C GLN A 68 -12.07 -19.75 4.70
N LEU A 69 -12.17 -18.72 3.86
CA LEU A 69 -11.04 -17.83 3.67
C LEU A 69 -10.83 -16.98 4.92
N PRO A 70 -9.57 -16.64 5.23
CA PRO A 70 -9.38 -15.69 6.32
C PRO A 70 -10.09 -14.36 5.97
N ALA A 71 -10.58 -13.65 6.99
CA ALA A 71 -11.27 -12.38 6.80
C ALA A 71 -10.48 -11.44 5.90
N ALA A 72 -9.17 -11.36 6.10
CA ALA A 72 -8.36 -10.45 5.30
C ALA A 72 -8.46 -10.79 3.80
N VAL A 73 -8.61 -12.06 3.46
CA VAL A 73 -8.65 -12.47 2.05
C VAL A 73 -10.02 -12.18 1.46
N SER A 74 -11.09 -12.59 2.13
CA SER A 74 -12.42 -12.32 1.63
C SER A 74 -12.63 -10.81 1.51
N THR A 75 -12.11 -10.02 2.46
CA THR A 75 -12.20 -8.56 2.37
C THR A 75 -11.38 -8.02 1.19
N ALA A 76 -10.17 -8.54 0.99
CA ALA A 76 -9.36 -8.11 -0.15
C ALA A 76 -10.12 -8.34 -1.47
N PHE A 77 -10.74 -9.50 -1.61
CA PHE A 77 -11.49 -9.80 -2.81
C PHE A 77 -12.67 -8.86 -3.01
N LYS A 78 -13.40 -8.62 -1.91
CA LYS A 78 -14.55 -7.73 -1.94
C LYS A 78 -14.17 -6.29 -2.28
N GLN A 79 -12.94 -5.90 -2.02
CA GLN A 79 -12.45 -4.57 -2.33
C GLN A 79 -11.64 -4.54 -3.63
N SER A 80 -11.57 -5.66 -4.34
CA SER A 80 -10.75 -5.77 -5.53
C SER A 80 -11.46 -5.31 -6.76
N PHE A 81 -10.68 -5.19 -7.84
CA PHE A 81 -11.24 -4.89 -9.14
C PHE A 81 -12.30 -5.91 -9.54
N TYR A 82 -12.14 -7.16 -9.11
CA TYR A 82 -13.04 -8.25 -9.50
C TYR A 82 -14.16 -8.58 -8.51
N SER A 83 -14.43 -7.68 -7.56
CA SER A 83 -15.43 -7.98 -6.51
C SER A 83 -16.83 -8.35 -7.04
N ASN A 84 -17.20 -7.80 -8.20
CA ASN A 84 -18.50 -8.09 -8.83
C ASN A 84 -18.55 -9.38 -9.65
N TRP A 85 -17.41 -10.05 -9.80
CA TRP A 85 -17.35 -11.30 -10.57
C TRP A 85 -17.86 -12.47 -9.74
N THR A 86 -18.32 -13.50 -10.43
CA THR A 86 -18.80 -14.70 -9.76
C THR A 86 -17.67 -15.63 -9.37
N VAL A 87 -17.59 -15.96 -8.08
CA VAL A 87 -16.57 -16.88 -7.59
C VAL A 87 -16.96 -18.30 -7.96
N ASP A 88 -16.10 -19.01 -8.68
CA ASP A 88 -16.35 -20.39 -9.08
C ASP A 88 -15.78 -21.41 -8.11
N ASP A 89 -14.54 -21.19 -7.72
CA ASP A 89 -13.84 -22.09 -6.82
C ASP A 89 -12.81 -21.36 -6.00
N THR A 90 -12.56 -21.89 -4.81
CA THR A 90 -11.60 -21.34 -3.88
CA THR A 90 -11.57 -21.34 -3.90
C THR A 90 -10.69 -22.47 -3.38
N TYR A 91 -9.39 -22.19 -3.25
CA TYR A 91 -8.44 -23.18 -2.77
C TYR A 91 -7.41 -22.62 -1.84
N ALA A 92 -6.84 -23.51 -1.03
CA ALA A 92 -5.70 -23.19 -0.21
C ALA A 92 -4.57 -24.03 -0.78
N ILE A 93 -3.43 -23.39 -0.99
CA ILE A 93 -2.25 -24.03 -1.52
C ILE A 93 -1.07 -23.91 -0.54
N ASN A 94 -0.51 -25.05 -0.16
CA ASN A 94 0.70 -25.10 0.66
C ASN A 94 1.79 -25.76 -0.12
N ARG A 95 2.91 -25.08 -0.27
CA ARG A 95 4.07 -25.65 -0.94
C ARG A 95 5.17 -25.81 0.09
N LEU A 96 6.08 -26.75 -0.15
CA LEU A 96 7.22 -27.02 0.73
C LEU A 96 8.06 -25.75 0.97
N ASN A 97 8.26 -25.43 2.26
CA ASN A 97 9.04 -24.28 2.70
C ASN A 97 8.48 -22.93 2.25
N GLY A 99 4.85 -20.20 2.60
CA GLY A 99 3.65 -19.87 3.33
C GLY A 99 2.40 -20.20 2.53
N ILE A 100 1.26 -20.21 3.20
CA ILE A 100 0.00 -20.54 2.57
C ILE A 100 -0.42 -19.50 1.53
N VAL A 101 -1.02 -19.97 0.44
CA VAL A 101 -1.55 -19.10 -0.61
C VAL A 101 -2.98 -19.50 -0.87
N TYR A 102 -3.86 -18.51 -0.98
CA TYR A 102 -5.25 -18.76 -1.29
C TYR A 102 -5.52 -18.38 -2.74
N LYS A 103 -6.29 -19.21 -3.42
CA LYS A 103 -6.64 -19.00 -4.82
C LYS A 103 -8.13 -18.86 -4.97
N ILE A 104 -8.56 -17.77 -5.62
CA ILE A 104 -9.94 -17.54 -5.95
C ILE A 104 -10.05 -17.54 -7.49
N GLU A 105 -10.93 -18.40 -8.02
CA GLU A 105 -11.21 -18.48 -9.44
C GLU A 105 -12.54 -17.77 -9.65
N ALA A 106 -12.54 -16.70 -10.44
CA ALA A 106 -13.73 -15.88 -10.64
C ALA A 106 -14.03 -15.65 -12.13
N GLU A 107 -15.30 -15.50 -12.48
CA GLU A 107 -15.69 -15.32 -13.88
C GLU A 107 -16.79 -14.28 -14.07
N GLN A 108 -16.83 -13.75 -15.29
CA GLN A 108 -17.81 -12.76 -15.70
C GLN A 108 -17.85 -12.81 -17.23
N SER A 109 -19.04 -12.96 -17.79
CA SER A 109 -19.22 -13.03 -19.25
CA SER A 109 -19.21 -13.02 -19.24
C SER A 109 -18.29 -14.11 -19.83
N ASN A 110 -17.34 -13.73 -20.68
CA ASN A 110 -16.43 -14.71 -21.29
C ASN A 110 -15.02 -14.72 -20.72
N SER A 111 -14.82 -14.08 -19.58
CA SER A 111 -13.50 -14.02 -18.96
C SER A 111 -13.48 -14.79 -17.63
N GLU A 112 -12.30 -15.29 -17.27
CA GLU A 112 -12.13 -15.95 -15.98
C GLU A 112 -10.73 -15.60 -15.50
N VAL A 113 -10.64 -15.22 -14.22
CA VAL A 113 -9.38 -14.80 -13.63
C VAL A 113 -9.05 -15.71 -12.44
N ASP A 114 -7.76 -15.94 -12.23
CA ASP A 114 -7.26 -16.67 -11.08
C ASP A 114 -6.57 -15.65 -10.22
N LEU A 115 -7.07 -15.47 -8.98
CA LEU A 115 -6.47 -14.52 -8.05
C LEU A 115 -5.79 -15.27 -6.93
N TYR A 116 -4.52 -14.93 -6.69
CA TYR A 116 -3.72 -15.54 -5.64
C TYR A 116 -3.40 -14.50 -4.55
N TYR A 117 -3.75 -14.87 -3.33
CA TYR A 117 -3.59 -14.00 -2.16
C TYR A 117 -2.76 -14.59 -0.99
N SER A 118 -2.05 -13.71 -0.28
CA SER A 118 -1.41 -14.10 0.96
C SER A 118 -2.54 -14.24 1.95
N GLN A 119 -2.26 -14.82 3.11
CA GLN A 119 -3.29 -14.92 4.15
C GLN A 119 -3.72 -13.53 4.69
N TYR A 120 -2.93 -12.51 4.41
CA TYR A 120 -3.23 -11.15 4.83
C TYR A 120 -3.95 -10.37 3.73
N GLY A 121 -4.38 -11.06 2.66
CA GLY A 121 -5.05 -10.41 1.54
C GLY A 121 -4.16 -9.63 0.58
N ASN A 122 -2.86 -9.94 0.53
CA ASN A 122 -1.95 -9.34 -0.45
C ASN A 122 -2.12 -10.04 -1.78
N LEU A 123 -2.48 -9.32 -2.84
CA LEU A 123 -2.63 -9.92 -4.16
C LEU A 123 -1.24 -10.24 -4.70
N ILE A 124 -0.94 -11.54 -4.78
CA ILE A 124 0.37 -12.03 -5.28
C ILE A 124 0.40 -11.89 -6.79
N LYS A 125 -0.64 -12.39 -7.44
CA LYS A 125 -0.78 -12.27 -8.89
C LYS A 125 -2.20 -12.54 -9.33
N ALA A 126 -2.50 -12.07 -10.54
CA ALA A 126 -3.81 -12.25 -11.16
C ALA A 126 -3.53 -12.73 -12.56
N VAL A 127 -4.05 -13.90 -12.94
CA VAL A 127 -3.81 -14.44 -14.27
C VAL A 127 -5.10 -14.99 -14.88
N ASP A 128 -5.13 -15.10 -16.22
CA ASP A 128 -6.26 -15.75 -16.89
C ASP A 128 -6.35 -17.20 -16.40
N ASP A 129 -7.55 -17.67 -16.11
CA ASP A 129 -7.72 -19.04 -15.63
C ASP A 129 -7.32 -20.02 -16.72
N GLU A 130 -6.59 -21.05 -16.31
CA GLU A 130 -6.29 -22.17 -17.18
CA GLU A 130 -6.16 -22.15 -17.17
C GLU A 130 -6.22 -23.43 -16.32
N ILE A 131 -6.71 -24.54 -16.88
CA ILE A 131 -6.77 -25.79 -16.15
C ILE A 131 -5.35 -26.32 -15.87
N ASN A 132 -5.14 -26.86 -14.67
CA ASN A 132 -3.83 -27.41 -14.26
C ASN A 132 -2.69 -26.37 -14.22
N ASN A 133 -2.97 -25.12 -13.85
CA ASN A 133 -1.90 -24.11 -13.81
C ASN A 133 -1.16 -24.01 -12.43
N ASP A 134 -1.50 -24.90 -11.49
CA ASP A 134 -0.85 -24.89 -10.16
C ASP A 134 0.01 -26.14 -9.97
N ALA A 135 1.32 -25.94 -9.80
CA ALA A 135 2.27 -27.04 -9.64
C ALA A 135 3.40 -26.70 -8.67
N PRO A 136 4.20 -27.69 -8.26
CA PRO A 136 5.28 -27.39 -7.32
C PRO A 136 6.25 -26.33 -7.81
N ILE A 137 6.93 -25.67 -6.85
CA ILE A 137 7.96 -24.70 -7.16
C ILE A 137 9.22 -25.08 -6.42
N VAL A 138 10.24 -25.50 -7.16
CA VAL A 138 11.50 -25.87 -6.55
C VAL A 138 12.20 -24.57 -6.20
N ILE A 139 12.67 -24.45 -4.96
CA ILE A 139 13.39 -23.27 -4.51
C ILE A 139 14.86 -23.46 -4.88
N PRO A 140 15.36 -22.66 -5.82
CA PRO A 140 16.75 -22.81 -6.22
C PRO A 140 17.71 -22.51 -5.07
N LYS A 141 18.88 -23.12 -5.12
CA LYS A 141 19.88 -22.93 -4.08
C LYS A 141 20.22 -21.46 -3.92
N GLU A 142 20.25 -20.73 -5.03
CA GLU A 142 20.55 -19.30 -5.00
C GLU A 142 19.52 -18.51 -4.20
N VAL A 143 18.26 -18.90 -4.30
CA VAL A 143 17.18 -18.23 -3.58
C VAL A 143 17.23 -18.60 -2.09
N SER A 144 17.44 -19.88 -1.77
CA SER A 144 17.55 -20.29 -0.36
CA SER A 144 17.54 -20.30 -0.36
C SER A 144 18.74 -19.61 0.31
N ASN A 145 19.84 -19.50 -0.43
CA ASN A 145 21.02 -18.82 0.08
C ASN A 145 20.72 -17.36 0.37
N LEU A 146 20.05 -16.68 -0.56
CA LEU A 146 19.69 -15.29 -0.35
C LEU A 146 18.75 -15.14 0.85
N GLU A 148 18.36 -17.04 3.52
CA GLU A 148 19.13 -17.29 4.76
C GLU A 148 19.97 -16.11 5.21
N ILE A 149 20.56 -15.42 4.25
CA ILE A 149 21.43 -14.30 4.56
C ILE A 149 20.67 -13.00 4.74
N THR A 150 19.81 -12.66 3.79
CA THR A 150 19.18 -11.33 3.80
C THR A 150 17.75 -11.27 4.36
N PHE A 151 17.01 -12.37 4.31
CA PHE A 151 15.63 -12.41 4.78
C PHE A 151 15.42 -13.60 5.72
N ALA A 152 16.33 -13.75 6.67
CA ALA A 152 16.44 -14.96 7.52
C ALA A 152 15.14 -15.45 8.12
N ASN A 153 14.29 -14.54 8.58
CA ASN A 153 13.03 -14.96 9.21
C ASN A 153 11.84 -15.02 8.27
N ALA A 154 12.00 -14.51 7.04
CA ALA A 154 10.87 -14.43 6.12
C ALA A 154 10.48 -15.80 5.58
N GLU A 155 9.29 -15.84 5.02
CA GLU A 155 8.70 -17.03 4.45
C GLU A 155 8.30 -16.72 2.99
N LEU A 156 8.85 -17.43 2.03
CA LEU A 156 8.47 -17.23 0.63
C LEU A 156 7.03 -17.65 0.38
N LEU A 157 6.35 -16.92 -0.49
CA LEU A 157 5.03 -17.31 -0.98
C LEU A 157 5.08 -17.72 -2.47
N ASP A 158 6.00 -17.15 -3.25
CA ASP A 158 6.03 -17.43 -4.67
C ASP A 158 7.33 -16.95 -5.25
N ILE A 159 7.71 -17.57 -6.37
CA ILE A 159 8.87 -17.19 -7.15
C ILE A 159 8.30 -17.06 -8.54
N GLN A 160 8.32 -15.86 -9.10
CA GLN A 160 7.77 -15.62 -10.42
C GLN A 160 8.87 -15.19 -11.36
N GLN A 161 8.87 -15.73 -12.58
CA GLN A 161 9.80 -15.30 -13.62
C GLN A 161 9.23 -14.10 -14.33
N ASN A 162 10.09 -13.12 -14.61
CA ASN A 162 9.71 -11.92 -15.36
C ASN A 162 10.86 -11.58 -16.32
N SER A 163 10.70 -10.55 -17.14
CA SER A 163 11.73 -10.17 -18.13
CA SER A 163 11.74 -10.19 -18.13
C SER A 163 13.06 -9.78 -17.49
N LEU A 164 13.00 -9.11 -16.35
CA LEU A 164 14.21 -8.68 -15.66
C LEU A 164 14.87 -9.81 -14.85
N GLY A 165 14.17 -10.93 -14.67
CA GLY A 165 14.74 -12.07 -13.94
C GLY A 165 13.70 -12.80 -13.14
N TYR A 166 13.78 -12.66 -11.80
CA TYR A 166 12.87 -13.34 -10.88
C TYR A 166 12.34 -12.42 -9.79
N GLU A 167 11.10 -12.67 -9.37
CA GLU A 167 10.46 -11.94 -8.30
C GLU A 167 10.22 -12.93 -7.16
N LEU A 168 10.62 -12.52 -5.95
CA LEU A 168 10.36 -13.29 -4.75
C LEU A 168 9.25 -12.57 -4.01
N ASP A 169 8.20 -13.32 -3.68
CA ASP A 169 7.10 -12.77 -2.92
C ASP A 169 7.20 -13.45 -1.58
N ILE A 171 6.56 -13.10 3.06
CA ILE A 171 5.99 -12.52 4.26
C ILE A 171 7.12 -12.46 5.27
N ASP A 172 7.37 -11.26 5.78
CA ASP A 172 8.43 -10.94 6.73
C ASP A 172 7.79 -10.16 7.87
N ASN A 173 7.56 -10.81 9.02
CA ASN A 173 6.86 -10.18 10.15
C ASN A 173 5.56 -9.51 9.68
N GLN A 174 4.81 -10.29 8.89
CA GLN A 174 3.51 -9.93 8.30
C GLN A 174 3.57 -8.82 7.24
N ILE A 175 4.78 -8.42 6.85
CA ILE A 175 4.95 -7.46 5.77
C ILE A 175 5.09 -8.22 4.45
N TYR A 176 4.34 -7.81 3.44
CA TYR A 176 4.44 -8.44 2.12
C TYR A 176 5.54 -7.76 1.33
N LYS A 177 6.67 -8.44 1.23
CA LYS A 177 7.84 -7.90 0.54
C LYS A 177 8.03 -8.55 -0.82
N VAL A 178 8.34 -7.74 -1.82
CA VAL A 178 8.60 -8.22 -3.16
C VAL A 178 10.03 -7.87 -3.51
N ALA A 179 10.86 -8.88 -3.75
CA ALA A 179 12.25 -8.66 -4.14
C ALA A 179 12.47 -9.02 -5.60
N GLN A 180 13.21 -8.18 -6.33
CA GLN A 180 13.54 -8.45 -7.71
C GLN A 180 14.98 -8.91 -7.78
N LEU A 181 15.20 -10.02 -8.48
CA LEU A 181 16.50 -10.58 -8.72
C LEU A 181 16.73 -10.56 -10.23
N ASN A 182 17.98 -10.50 -10.65
CA ASN A 182 18.27 -10.54 -12.10
C ASN A 182 18.25 -12.01 -12.56
N LYS A 183 18.64 -12.27 -13.80
CA LYS A 183 18.58 -13.64 -14.33
C LYS A 183 19.57 -14.57 -13.66
N ASP A 184 20.58 -14.04 -13.00
CA ASP A 184 21.52 -14.85 -12.24
C ASP A 184 21.13 -14.93 -10.76
N TYR A 185 19.89 -14.57 -10.43
CA TYR A 185 19.40 -14.56 -9.05
C TYR A 185 20.12 -13.54 -8.15
N ARG A 186 20.75 -12.52 -8.72
CA ARG A 186 21.43 -11.50 -7.91
C ARG A 186 20.40 -10.46 -7.51
N TRP A 187 20.41 -10.09 -6.23
CA TRP A 187 19.42 -9.13 -5.72
C TRP A 187 19.54 -7.74 -6.35
N GLN A 188 18.40 -7.16 -6.72
CA GLN A 188 18.37 -5.83 -7.29
C GLN A 188 17.59 -4.85 -6.41
N SER A 189 16.44 -5.28 -5.87
CA SER A 189 15.61 -4.41 -5.02
C SER A 189 14.62 -5.17 -4.19
N THR A 190 14.09 -4.50 -3.16
CA THR A 190 13.03 -5.01 -2.29
C THR A 190 12.07 -3.85 -2.07
N THR A 191 10.76 -4.13 -2.12
CA THR A 191 9.76 -3.08 -1.87
C THR A 191 8.55 -3.62 -1.10
N TRP A 192 7.95 -2.77 -0.29
CA TRP A 192 6.77 -3.16 0.46
C TRP A 192 5.98 -1.97 0.94
N ALA A 193 4.69 -2.19 1.08
CA ALA A 193 3.74 -1.21 1.58
C ALA A 193 3.91 -1.16 3.09
N SER A 195 2.60 1.19 6.84
CA SER A 195 1.62 2.10 7.41
C SER A 195 2.28 3.43 7.65
N GLU A 196 1.51 4.51 7.53
CA GLU A 196 2.05 5.84 7.78
C GLU A 196 2.69 5.94 9.18
N GLN A 197 2.06 5.26 10.15
CA GLN A 197 2.56 5.28 11.54
C GLN A 197 3.97 4.71 11.67
N GLU A 198 4.37 3.87 10.71
CA GLU A 198 5.69 3.21 10.76
C GLU A 198 6.80 3.97 10.02
N VAL A 199 6.47 5.04 9.31
CA VAL A 199 7.51 5.79 8.58
C VAL A 199 8.45 6.47 9.58
N PRO A 200 9.77 6.41 9.37
CA PRO A 200 10.69 7.09 10.30
C PRO A 200 10.37 8.59 10.47
N GLN A 201 10.55 9.08 11.69
CA GLN A 201 10.25 10.47 12.04
C GLN A 201 10.87 11.47 11.06
N ILE A 202 12.13 11.29 10.73
CA ILE A 202 12.82 12.25 9.85
C ILE A 202 12.15 12.29 8.47
N VAL A 203 11.70 11.14 7.97
CA VAL A 203 11.05 11.08 6.64
C VAL A 203 9.65 11.64 6.70
N GLN A 205 8.46 13.84 8.72
CA GLN A 205 8.52 15.30 8.87
C GLN A 205 8.81 15.94 7.53
N GLY A 206 9.65 15.30 6.72
CA GLY A 206 9.93 15.79 5.38
C GLY A 206 8.63 15.85 4.57
N PHE A 207 7.87 14.76 4.61
CA PHE A 207 6.64 14.71 3.86
C PHE A 207 5.67 15.79 4.35
N GLU A 208 5.51 15.91 5.67
CA GLU A 208 4.58 16.89 6.25
C GLU A 208 4.98 18.33 6.00
N SER A 209 6.25 18.58 5.68
CA SER A 209 6.75 19.92 5.38
CA SER A 209 6.71 19.94 5.39
C SER A 209 6.87 20.15 3.87
N SER A 210 6.43 19.18 3.07
CA SER A 210 6.54 19.28 1.61
C SER A 210 5.25 19.78 0.99
N ALA A 211 5.32 20.04 -0.32
CA ALA A 211 4.18 20.48 -1.12
C ALA A 211 3.03 19.48 -1.09
N TYR A 212 3.38 18.20 -0.92
CA TYR A 212 2.42 17.09 -1.01
C TYR A 212 1.72 16.76 0.30
N ALA A 213 2.05 17.50 1.36
CA ALA A 213 1.47 17.30 2.68
C ALA A 213 -0.05 17.31 2.71
N SER A 214 -0.68 18.12 1.88
CA SER A 214 -2.13 18.25 1.92
C SER A 214 -2.86 17.27 0.99
N ASP A 215 -2.12 16.55 0.16
CA ASP A 215 -2.72 15.60 -0.77
C ASP A 215 -3.13 14.31 -0.07
N LYS A 216 -4.15 13.65 -0.61
CA LYS A 216 -4.63 12.39 -0.04
C LYS A 216 -3.57 11.31 -0.24
N VAL A 217 -3.17 10.64 0.84
CA VAL A 217 -2.17 9.58 0.75
C VAL A 217 -2.87 8.29 0.31
N GLN A 218 -2.44 7.72 -0.81
CA GLN A 218 -3.01 6.49 -1.33
C GLN A 218 -2.23 5.30 -0.77
N SER A 219 -0.91 5.42 -0.78
CA SER A 219 -0.07 4.38 -0.26
C SER A 219 1.32 4.91 0.00
N ILE A 220 2.05 4.17 0.82
CA ILE A 220 3.43 4.47 1.13
C ILE A 220 4.21 3.19 1.04
N TYR A 221 5.28 3.20 0.26
CA TYR A 221 6.14 2.06 0.07
C TYR A 221 7.58 2.35 0.48
N THR A 222 8.27 1.36 1.02
CA THR A 222 9.70 1.47 1.21
C THR A 222 10.26 0.80 -0.04
N LEU A 223 11.34 1.34 -0.56
CA LEU A 223 12.07 0.76 -1.69
C LEU A 223 13.54 0.71 -1.31
N LEU A 224 14.13 -0.49 -1.38
CA LEU A 224 15.54 -0.68 -1.12
C LEU A 224 16.20 -1.15 -2.42
N ASN A 225 17.31 -0.53 -2.79
CA ASN A 225 18.04 -0.91 -3.99
C ASN A 225 19.53 -0.54 -3.86
N ALA A 226 20.28 -0.70 -4.93
CA ALA A 226 21.72 -0.41 -4.94
C ALA A 226 22.02 1.00 -4.45
N ASN A 227 21.11 1.93 -4.70
CA ASN A 227 21.30 3.33 -4.31
C ASN A 227 20.92 3.68 -2.87
N GLY A 228 20.34 2.74 -2.12
CA GLY A 228 19.97 3.00 -0.73
C GLY A 228 18.53 2.72 -0.40
N THR A 229 18.01 3.42 0.59
CA THR A 229 16.64 3.26 1.08
C THR A 229 15.81 4.48 0.72
N PHE A 230 14.60 4.26 0.22
CA PHE A 230 13.70 5.32 -0.18
C PHE A 230 12.28 5.08 0.27
N TYR A 231 11.51 6.17 0.35
CA TYR A 231 10.11 6.11 0.77
C TYR A 231 9.28 6.78 -0.32
N LEU A 232 8.39 5.99 -0.90
CA LEU A 232 7.54 6.42 -1.99
C LEU A 232 6.13 6.69 -1.51
N PHE A 233 5.75 7.95 -1.55
CA PHE A 233 4.43 8.38 -1.15
C PHE A 233 3.62 8.58 -2.41
N LYS A 234 2.62 7.72 -2.61
CA LYS A 234 1.69 7.88 -3.71
C LYS A 234 0.55 8.70 -3.16
N VAL A 235 0.38 9.91 -3.68
CA VAL A 235 -0.66 10.81 -3.23
C VAL A 235 -1.58 11.18 -4.40
N SER A 236 -2.75 11.74 -4.09
CA SER A 236 -3.69 12.09 -5.16
C SER A 236 -4.34 13.43 -4.91
N HIS A 237 -4.83 14.01 -6.00
CA HIS A 237 -5.54 15.29 -5.99
C HIS A 237 -6.37 15.36 -7.27
N ASN A 238 -7.62 15.79 -7.18
CA ASN A 238 -8.52 15.81 -8.35
C ASN A 238 -8.50 14.48 -9.12
N GLY A 239 -8.38 13.38 -8.38
CA GLY A 239 -8.35 12.05 -8.99
C GLY A 239 -7.09 11.69 -9.77
N GLN A 240 -6.04 12.51 -9.68
CA GLN A 240 -4.77 12.25 -10.35
C GLN A 240 -3.75 11.77 -9.31
N ASP A 241 -2.97 10.75 -9.67
CA ASP A 241 -1.95 10.20 -8.77
C ASP A 241 -0.52 10.66 -9.09
N LYS A 242 0.28 10.84 -8.05
CA LYS A 242 1.70 11.19 -8.18
C LYS A 242 2.46 10.43 -7.13
N THR A 243 3.59 9.83 -7.51
CA THR A 243 4.43 9.16 -6.53
C THR A 243 5.67 10.03 -6.23
N ILE A 244 5.78 10.49 -4.99
CA ILE A 244 6.91 11.33 -4.56
C ILE A 244 7.90 10.47 -3.77
N THR A 245 9.15 10.46 -4.20
CA THR A 245 10.20 9.68 -3.56
C THR A 245 11.03 10.53 -2.58
N PHE A 246 11.12 10.05 -1.34
CA PHE A 246 11.92 10.69 -0.30
C PHE A 246 13.10 9.82 0.07
N ASP A 247 14.24 10.43 0.38
CA ASP A 247 15.43 9.68 0.81
C ASP A 247 15.39 9.53 2.34
N VAL A 248 16.43 8.95 2.92
CA VAL A 248 16.47 8.69 4.36
C VAL A 248 16.54 9.94 5.23
N PHE A 249 16.80 11.12 4.66
CA PHE A 249 16.75 12.37 5.42
C PHE A 249 15.42 13.09 5.25
N GLY A 250 14.46 12.48 4.57
CA GLY A 250 13.17 13.11 4.34
C GLY A 250 13.19 14.21 3.28
N ASN A 251 14.14 14.13 2.35
CA ASN A 251 14.27 15.06 1.23
C ASN A 251 13.80 14.42 -0.06
N ILE A 252 13.14 15.21 -0.89
CA ILE A 252 12.59 14.71 -2.16
C ILE A 252 13.72 14.43 -3.10
N VAL A 253 13.72 13.26 -3.73
CA VAL A 253 14.74 12.95 -4.71
C VAL A 253 14.09 12.82 -6.10
N GLN B 5 22.63 48.63 -23.14
CA GLN B 5 22.74 47.37 -22.35
C GLN B 5 22.73 46.11 -23.25
N GLY B 6 23.41 45.06 -22.80
CA GLY B 6 23.54 43.83 -23.57
C GLY B 6 24.58 43.97 -24.66
N ILE B 7 24.37 43.23 -25.75
CA ILE B 7 25.31 43.25 -26.87
C ILE B 7 24.63 43.76 -28.14
N ILE B 8 25.44 44.03 -29.16
CA ILE B 8 24.96 44.54 -30.44
C ILE B 8 24.69 43.37 -31.35
N PRO B 9 23.44 43.23 -31.83
CA PRO B 9 23.14 42.12 -32.72
C PRO B 9 23.74 42.32 -34.11
N LEU B 10 24.02 41.22 -34.81
CA LEU B 10 24.51 41.28 -36.17
C LEU B 10 23.42 41.94 -36.99
N PRO B 11 23.78 42.67 -38.05
CA PRO B 11 22.77 43.38 -38.87
C PRO B 11 21.57 42.55 -39.38
N PRO B 12 21.79 41.26 -39.77
CA PRO B 12 20.65 40.46 -40.23
C PRO B 12 19.67 40.12 -39.10
N VAL B 13 20.20 39.94 -37.88
CA VAL B 13 19.37 39.69 -36.70
C VAL B 13 18.59 40.96 -36.39
N GLU B 14 19.28 42.09 -36.39
CA GLU B 14 18.64 43.38 -36.10
C GLU B 14 17.48 43.67 -37.05
N ASN B 15 17.69 43.43 -38.34
CA ASN B 15 16.65 43.69 -39.35
C ASN B 15 15.47 42.76 -39.22
N ALA B 16 15.76 41.47 -38.98
CA ALA B 16 14.68 40.49 -38.78
C ALA B 16 13.88 40.86 -37.55
N PHE B 17 14.58 41.28 -36.49
CA PHE B 17 13.90 41.66 -35.26
C PHE B 17 13.00 42.87 -35.47
N GLN B 18 13.52 43.92 -36.10
CA GLN B 18 12.72 45.12 -36.33
C GLN B 18 11.57 44.87 -37.29
N GLU B 19 11.78 44.02 -38.28
CA GLU B 19 10.73 43.67 -39.24
C GLU B 19 9.62 42.91 -38.56
N LYS B 20 9.98 41.92 -37.74
CA LYS B 20 8.97 41.10 -37.06
C LYS B 20 8.32 41.83 -35.88
N TYR B 21 9.08 42.62 -35.14
CA TYR B 21 8.53 43.36 -33.99
C TYR B 21 8.75 44.86 -34.14
N PRO B 22 8.01 45.50 -35.06
CA PRO B 22 8.20 46.94 -35.30
C PRO B 22 7.94 47.83 -34.08
N ASP B 23 7.06 47.40 -33.16
CA ASP B 23 6.73 48.22 -31.99
C ASP B 23 7.48 47.83 -30.69
N ALA B 24 8.53 47.03 -30.81
CA ALA B 24 9.28 46.61 -29.65
C ALA B 24 9.89 47.81 -28.91
N LYS B 25 9.88 47.76 -27.58
CA LYS B 25 10.53 48.80 -26.76
C LYS B 25 11.56 48.18 -25.82
N ASN B 26 12.62 48.93 -25.55
CA ASN B 26 13.69 48.52 -24.65
C ASN B 26 14.35 47.15 -24.97
N PRO B 27 14.53 46.84 -26.25
CA PRO B 27 15.12 45.52 -26.53
C PRO B 27 16.54 45.35 -25.96
N VAL B 28 16.84 44.16 -25.46
CA VAL B 28 18.16 43.84 -24.96
C VAL B 28 18.57 42.50 -25.54
N PHE B 29 19.66 42.49 -26.30
CA PHE B 29 20.16 41.26 -26.91
C PHE B 29 21.27 40.60 -26.09
N GLU B 30 21.31 39.28 -26.18
CA GLU B 30 22.37 38.46 -25.61
C GLU B 30 22.57 37.28 -26.53
N ILE B 31 23.67 36.57 -26.36
CA ILE B 31 23.91 35.35 -27.11
C ILE B 31 23.75 34.22 -26.09
N GLU B 32 22.95 33.22 -26.47
CA GLU B 32 22.71 32.05 -25.64
C GLU B 32 22.75 30.84 -26.56
N GLY B 33 23.79 30.04 -26.40
CA GLY B 33 24.01 28.89 -27.25
C GLY B 33 24.22 29.36 -28.67
N ASN B 34 23.49 28.76 -29.60
CA ASN B 34 23.62 29.08 -31.01
C ASN B 34 22.70 30.20 -31.48
N TYR B 35 22.12 30.95 -30.54
CA TYR B 35 21.13 31.96 -30.91
C TYR B 35 21.33 33.34 -30.32
N TYR B 36 20.83 34.35 -31.03
CA TYR B 36 20.74 35.70 -30.53
C TYR B 36 19.37 35.75 -29.88
N VAL B 37 19.33 36.09 -28.61
CA VAL B 37 18.09 36.15 -27.84
C VAL B 37 17.80 37.56 -27.42
N VAL B 38 16.56 38.01 -27.62
CA VAL B 38 16.22 39.38 -27.29
C VAL B 38 15.01 39.45 -26.37
N ASP B 39 15.20 40.21 -25.30
CA ASP B 39 14.18 40.48 -24.30
CA ASP B 39 14.20 40.48 -24.30
C ASP B 39 13.62 41.87 -24.58
N PHE B 40 12.30 42.00 -24.65
CA PHE B 40 11.72 43.32 -24.93
C PHE B 40 10.29 43.48 -24.49
N ASN B 41 9.85 44.74 -24.47
CA ASN B 41 8.48 45.08 -24.17
C ASN B 41 7.69 45.08 -25.47
N ASN B 42 6.72 44.18 -25.57
CA ASN B 42 5.91 44.14 -26.76
C ASN B 42 4.46 44.42 -26.43
N GLY B 43 4.06 45.66 -26.67
CA GLY B 43 2.69 46.08 -26.42
C GLY B 43 2.24 45.91 -24.99
N GLY B 44 3.14 46.09 -24.04
CA GLY B 44 2.80 45.99 -22.63
C GLY B 44 3.11 44.69 -21.91
N SER B 45 3.67 43.70 -22.62
CA SER B 45 4.06 42.43 -22.05
C SER B 45 5.49 42.13 -22.42
N GLU B 46 6.24 41.60 -21.49
CA GLU B 46 7.60 41.21 -21.77
C GLU B 46 7.57 39.99 -22.68
N THR B 47 8.46 40.00 -23.66
CA THR B 47 8.59 38.95 -24.63
C THR B 47 10.06 38.66 -24.90
N THR B 48 10.36 37.39 -25.18
CA THR B 48 11.69 36.96 -25.56
C THR B 48 11.60 36.32 -26.94
N ALA B 49 12.52 36.67 -27.83
CA ALA B 49 12.56 36.06 -29.15
C ALA B 49 13.96 35.57 -29.44
N TRP B 50 14.05 34.46 -30.18
CA TRP B 50 15.30 33.80 -30.56
C TRP B 50 15.50 33.86 -32.07
N PHE B 51 16.72 34.21 -32.49
CA PHE B 51 17.09 34.25 -33.90
C PHE B 51 18.41 33.54 -34.13
N THR B 52 18.56 32.93 -35.30
CA THR B 52 19.85 32.36 -35.69
C THR B 52 20.81 33.48 -36.05
N ASP B 53 22.09 33.14 -36.28
CA ASP B 53 23.09 34.11 -36.74
C ASP B 53 22.66 34.79 -38.03
N GLN B 54 21.95 34.05 -38.88
CA GLN B 54 21.49 34.57 -40.17
C GLN B 54 20.22 35.41 -40.01
N GLY B 55 19.74 35.57 -38.79
CA GLY B 55 18.52 36.35 -38.57
C GLY B 55 17.23 35.59 -38.81
N ILE B 56 17.27 34.25 -38.79
CA ILE B 56 16.05 33.47 -38.96
CA ILE B 56 16.05 33.46 -38.95
C ILE B 56 15.36 33.34 -37.60
N TRP B 57 14.10 33.74 -37.54
CA TRP B 57 13.31 33.69 -36.33
C TRP B 57 12.99 32.25 -36.00
N GLU B 60 9.39 32.62 -29.89
CA GLU B 60 9.05 33.71 -29.02
C GLU B 60 8.36 33.09 -27.81
N LYS B 61 8.57 33.72 -26.66
CA LYS B 61 7.97 33.34 -25.42
C LYS B 61 7.37 34.63 -24.89
N ILE B 62 6.05 34.65 -24.72
CA ILE B 62 5.32 35.84 -24.32
C ILE B 62 4.75 35.70 -22.92
N ASP B 63 5.08 36.66 -22.07
CA ASP B 63 4.58 36.71 -20.73
C ASP B 63 3.09 37.06 -20.81
N ILE B 64 2.24 36.20 -20.27
CA ILE B 64 0.80 36.44 -20.23
C ILE B 64 0.30 36.25 -18.81
N SER B 65 -0.95 36.65 -18.58
CA SER B 65 -1.61 36.45 -17.32
C SER B 65 -2.46 35.20 -17.48
N PHE B 66 -2.88 34.65 -16.35
CA PHE B 66 -3.71 33.45 -16.32
C PHE B 66 -5.03 33.67 -17.07
N ALA B 67 -5.56 34.88 -16.99
CA ALA B 67 -6.80 35.24 -17.68
C ALA B 67 -6.66 35.21 -19.20
N GLN B 68 -5.45 35.35 -19.73
CA GLN B 68 -5.23 35.33 -21.19
C GLN B 68 -5.10 33.92 -21.77
N LEU B 69 -5.15 32.89 -20.91
CA LEU B 69 -5.13 31.51 -21.34
C LEU B 69 -6.46 31.15 -22.00
N PRO B 70 -6.41 30.30 -23.04
CA PRO B 70 -7.70 29.82 -23.53
C PRO B 70 -8.42 29.12 -22.39
N ALA B 71 -9.74 29.20 -22.38
CA ALA B 71 -10.56 28.56 -21.35
C ALA B 71 -10.21 27.10 -21.12
N ALA B 72 -9.91 26.38 -22.21
CA ALA B 72 -9.61 24.94 -22.12
C ALA B 72 -8.37 24.67 -21.27
N VAL B 73 -7.37 25.56 -21.38
CA VAL B 73 -6.10 25.45 -20.65
C VAL B 73 -6.29 25.80 -19.17
N SER B 74 -6.97 26.91 -18.87
CA SER B 74 -7.18 27.27 -17.47
C SER B 74 -8.04 26.21 -16.79
N THR B 75 -9.06 25.69 -17.50
CA THR B 75 -9.88 24.60 -16.97
C THR B 75 -9.01 23.34 -16.74
N ALA B 76 -8.14 23.02 -17.69
CA ALA B 76 -7.24 21.87 -17.54
C ALA B 76 -6.39 22.04 -16.27
N PHE B 77 -5.90 23.25 -16.03
CA PHE B 77 -5.11 23.47 -14.83
C PHE B 77 -5.94 23.29 -13.54
N LYS B 78 -7.13 23.87 -13.51
CA LYS B 78 -8.00 23.78 -12.34
C LYS B 78 -8.47 22.36 -12.01
N GLN B 79 -8.43 21.46 -12.98
CA GLN B 79 -8.79 20.06 -12.78
C GLN B 79 -7.56 19.16 -12.60
N SER B 80 -6.37 19.74 -12.66
CA SER B 80 -5.14 18.98 -12.58
C SER B 80 -4.73 18.63 -11.15
N PHE B 81 -3.70 17.81 -11.07
CA PHE B 81 -3.12 17.44 -9.78
C PHE B 81 -2.63 18.67 -9.02
N TYR B 82 -2.24 19.71 -9.76
CA TYR B 82 -1.66 20.89 -9.16
C TYR B 82 -2.58 22.07 -9.02
N SER B 83 -3.90 21.86 -9.12
CA SER B 83 -4.86 22.98 -9.05
C SER B 83 -4.72 23.85 -7.81
N ASN B 84 -4.24 23.26 -6.73
CA ASN B 84 -4.08 23.98 -5.46
C ASN B 84 -2.75 24.78 -5.35
N TRP B 85 -1.82 24.55 -6.26
CA TRP B 85 -0.52 25.24 -6.22
C TRP B 85 -0.63 26.71 -6.65
N THR B 86 0.34 27.53 -6.30
CA THR B 86 0.32 28.95 -6.67
C THR B 86 0.92 29.17 -8.03
N VAL B 87 0.18 29.82 -8.92
CA VAL B 87 0.69 30.13 -10.25
C VAL B 87 1.64 31.32 -10.16
N ASP B 88 2.88 31.10 -10.56
CA ASP B 88 3.95 32.09 -10.53
C ASP B 88 4.10 32.85 -11.81
N ASP B 89 3.89 32.16 -12.93
CA ASP B 89 4.04 32.75 -14.24
C ASP B 89 3.32 31.88 -15.27
N THR B 90 2.90 32.54 -16.34
CA THR B 90 2.22 31.90 -17.45
CA THR B 90 2.23 31.89 -17.45
C THR B 90 2.78 32.49 -18.74
N TYR B 91 3.00 31.65 -19.73
CA TYR B 91 3.54 32.09 -21.00
C TYR B 91 2.85 31.45 -22.18
N ALA B 92 2.93 32.12 -23.32
CA ALA B 92 2.50 31.56 -24.58
C ALA B 92 3.80 31.42 -25.31
N ILE B 93 4.04 30.25 -25.89
CA ILE B 93 5.25 29.93 -26.62
C ILE B 93 4.96 29.53 -28.09
N ASN B 94 5.54 30.27 -29.04
CA ASN B 94 5.44 29.95 -30.45
C ASN B 94 6.78 29.62 -30.99
N ARG B 95 6.92 28.46 -31.61
CA ARG B 95 8.16 28.07 -32.24
C ARG B 95 7.98 27.94 -33.75
N LEU B 96 9.06 28.13 -34.50
CA LEU B 96 9.00 28.04 -35.96
C LEU B 96 8.44 26.69 -36.42
N ASN B 97 7.40 26.76 -37.26
CA ASN B 97 6.73 25.57 -37.83
C ASN B 97 6.05 24.68 -36.82
N GLY B 99 2.82 24.58 -33.61
CA GLY B 99 1.61 25.20 -33.06
C GLY B 99 1.91 25.84 -31.71
N ILE B 100 0.96 26.60 -31.19
CA ILE B 100 1.16 27.30 -29.92
C ILE B 100 1.15 26.33 -28.71
N VAL B 101 1.99 26.65 -27.73
CA VAL B 101 2.08 25.94 -26.47
C VAL B 101 1.97 26.96 -25.34
N TYR B 102 1.20 26.63 -24.31
CA TYR B 102 1.03 27.46 -23.14
C TYR B 102 1.77 26.84 -21.97
N LYS B 103 2.53 27.65 -21.24
CA LYS B 103 3.28 27.15 -20.09
C LYS B 103 2.77 27.79 -18.82
N ILE B 104 2.51 26.95 -17.82
CA ILE B 104 2.07 27.42 -16.51
C ILE B 104 3.15 26.99 -15.51
N GLU B 105 3.69 27.93 -14.75
CA GLU B 105 4.70 27.64 -13.70
C GLU B 105 3.98 27.78 -12.37
N ALA B 106 3.94 26.69 -11.60
CA ALA B 106 3.22 26.67 -10.33
C ALA B 106 4.15 26.20 -9.21
N GLU B 107 3.93 26.71 -8.01
CA GLU B 107 4.81 26.36 -6.89
C GLU B 107 4.01 26.11 -5.63
N GLN B 108 4.59 25.30 -4.76
CA GLN B 108 4.03 25.01 -3.46
C GLN B 108 5.19 24.58 -2.57
N SER B 109 5.29 25.25 -1.42
CA SER B 109 6.37 24.98 -0.46
C SER B 109 7.69 25.05 -1.22
N ASN B 110 8.59 24.10 -1.14
CA ASN B 110 9.79 24.36 -2.00
C ASN B 110 9.82 23.65 -3.36
N SER B 111 8.64 23.30 -3.88
CA SER B 111 8.58 22.61 -5.16
C SER B 111 7.97 23.52 -6.21
N GLU B 112 8.46 23.40 -7.44
CA GLU B 112 7.89 24.16 -8.54
C GLU B 112 7.79 23.26 -9.75
N VAL B 113 6.66 23.33 -10.45
CA VAL B 113 6.42 22.52 -11.63
C VAL B 113 6.11 23.40 -12.83
N ASP B 114 6.58 22.95 -13.99
CA ASP B 114 6.30 23.57 -15.29
C ASP B 114 5.35 22.68 -16.06
N LEU B 115 4.15 23.19 -16.34
CA LEU B 115 3.11 22.48 -17.06
C LEU B 115 2.95 23.08 -18.47
N TYR B 116 3.08 22.24 -19.49
CA TYR B 116 2.93 22.69 -20.86
C TYR B 116 1.66 22.12 -21.46
N TYR B 117 0.84 22.99 -22.02
CA TYR B 117 -0.44 22.60 -22.59
C TYR B 117 -0.68 23.01 -24.03
N SER B 118 -1.41 22.16 -24.77
CA SER B 118 -1.89 22.54 -26.09
C SER B 118 -2.98 23.59 -25.91
N GLN B 119 -3.37 24.21 -27.02
CA GLN B 119 -4.48 25.19 -27.01
C GLN B 119 -5.81 24.57 -26.53
N TYR B 120 -5.92 23.24 -26.58
CA TYR B 120 -7.14 22.54 -26.12
C TYR B 120 -7.03 22.06 -24.68
N GLY B 121 -5.90 22.32 -24.03
CA GLY B 121 -5.73 21.92 -22.65
C GLY B 121 -5.15 20.52 -22.49
N ASN B 122 -4.53 19.99 -23.55
CA ASN B 122 -3.91 18.69 -23.45
C ASN B 122 -2.57 18.88 -22.77
N LEU B 123 -2.27 18.10 -21.73
CA LEU B 123 -0.98 18.22 -21.07
C LEU B 123 0.08 17.58 -21.96
N ILE B 124 0.99 18.40 -22.46
CA ILE B 124 2.07 17.94 -23.31
C ILE B 124 3.14 17.32 -22.43
N LYS B 125 3.51 18.04 -21.38
CA LYS B 125 4.47 17.51 -20.42
C LYS B 125 4.47 18.32 -19.12
N ALA B 126 4.96 17.67 -18.07
CA ALA B 126 5.08 18.24 -16.75
C ALA B 126 6.52 17.97 -16.30
N VAL B 127 7.25 19.00 -15.92
CA VAL B 127 8.63 18.85 -15.50
C VAL B 127 8.95 19.76 -14.31
N ASP B 128 9.98 19.39 -13.55
CA ASP B 128 10.48 20.24 -12.45
C ASP B 128 11.00 21.55 -13.03
N ASP B 129 10.55 22.67 -12.47
CA ASP B 129 10.99 23.97 -12.97
C ASP B 129 12.50 24.15 -12.86
N GLU B 130 13.07 24.75 -13.90
CA GLU B 130 14.50 25.10 -13.97
CA GLU B 130 14.47 25.16 -13.85
C GLU B 130 14.60 26.38 -14.81
N ILE B 131 15.40 27.35 -14.36
CA ILE B 131 15.58 28.63 -15.08
C ILE B 131 16.03 28.44 -16.54
N ASN B 132 15.50 29.29 -17.43
CA ASN B 132 15.81 29.26 -18.87
C ASN B 132 15.75 27.85 -19.49
N ASN B 133 14.74 27.05 -19.15
CA ASN B 133 14.59 25.70 -19.71
C ASN B 133 13.76 25.67 -21.00
N ASP B 134 13.43 26.84 -21.56
CA ASP B 134 12.66 26.91 -22.81
C ASP B 134 13.55 27.47 -23.89
N ALA B 135 13.77 26.67 -24.93
CA ALA B 135 14.68 27.03 -26.00
C ALA B 135 14.17 26.52 -27.34
N PRO B 136 14.71 27.04 -28.45
CA PRO B 136 14.28 26.60 -29.78
C PRO B 136 14.42 25.09 -30.00
N ILE B 137 13.57 24.53 -30.85
CA ILE B 137 13.63 23.11 -31.20
C ILE B 137 13.84 23.02 -32.72
N VAL B 138 15.05 22.59 -33.15
CA VAL B 138 15.30 22.42 -34.58
C VAL B 138 14.58 21.13 -35.00
N ILE B 139 13.69 21.25 -35.98
CA ILE B 139 12.91 20.11 -36.45
C ILE B 139 13.78 19.32 -37.42
N PRO B 140 14.18 18.09 -37.05
CA PRO B 140 15.03 17.33 -37.98
C PRO B 140 14.32 17.00 -39.31
N LYS B 141 15.12 16.87 -40.38
CA LYS B 141 14.58 16.58 -41.69
C LYS B 141 13.66 15.36 -41.64
N GLU B 142 14.07 14.34 -40.90
CA GLU B 142 13.28 13.11 -40.76
C GLU B 142 11.88 13.38 -40.24
N VAL B 143 11.77 14.31 -39.28
CA VAL B 143 10.48 14.64 -38.69
C VAL B 143 9.66 15.47 -39.67
N SER B 144 10.26 16.49 -40.29
CA SER B 144 9.54 17.29 -41.29
CA SER B 144 9.51 17.30 -41.26
C SER B 144 8.99 16.40 -42.40
N ASN B 145 9.82 15.48 -42.88
CA ASN B 145 9.37 14.55 -43.95
C ASN B 145 8.18 13.71 -43.50
N LEU B 146 8.26 13.19 -42.26
CA LEU B 146 7.21 12.36 -41.71
C LEU B 146 5.90 13.13 -41.53
N GLU B 148 4.89 15.75 -43.26
CA GLU B 148 4.39 16.05 -44.61
C GLU B 148 3.67 14.88 -45.25
N ILE B 149 4.27 13.70 -45.15
CA ILE B 149 3.72 12.49 -45.74
C ILE B 149 2.59 11.85 -44.91
N THR B 150 2.85 11.61 -43.63
CA THR B 150 1.91 10.85 -42.80
C THR B 150 0.95 11.68 -41.95
N PHE B 151 1.27 12.93 -41.66
CA PHE B 151 0.43 13.79 -40.83
C PHE B 151 0.27 15.16 -41.47
N ALA B 152 0.01 15.17 -42.78
CA ALA B 152 -0.04 16.41 -43.59
C ALA B 152 -0.90 17.54 -43.01
N ASN B 153 -2.02 17.20 -42.39
CA ASN B 153 -2.87 18.24 -41.79
C ASN B 153 -2.46 18.73 -40.40
N ALA B 154 -1.53 18.03 -39.76
CA ALA B 154 -1.23 18.27 -38.35
C ALA B 154 -0.25 19.39 -38.06
N GLU B 155 -0.40 19.98 -36.86
CA GLU B 155 0.53 20.97 -36.34
C GLU B 155 1.34 20.29 -35.27
N LEU B 156 2.66 20.32 -35.41
CA LEU B 156 3.52 19.77 -34.41
C LEU B 156 3.59 20.76 -33.23
N LEU B 157 3.52 20.27 -32.00
CA LEU B 157 3.63 21.11 -30.79
C LEU B 157 4.92 20.86 -30.02
N ASP B 158 5.46 19.65 -30.10
CA ASP B 158 6.67 19.33 -29.36
C ASP B 158 7.30 18.06 -29.89
N ILE B 159 8.61 17.96 -29.70
CA ILE B 159 9.41 16.79 -30.00
C ILE B 159 10.10 16.48 -28.68
N GLN B 160 9.85 15.31 -28.09
CA GLN B 160 10.46 14.98 -26.82
C GLN B 160 11.26 13.70 -26.93
N GLN B 161 12.53 13.73 -26.51
CA GLN B 161 13.34 12.52 -26.51
C GLN B 161 12.94 11.61 -25.36
N ASN B 162 13.01 10.31 -25.59
CA ASN B 162 12.77 9.31 -24.54
C ASN B 162 13.69 8.13 -24.82
N SER B 163 13.66 7.13 -23.95
CA SER B 163 14.57 5.98 -24.12
C SER B 163 14.27 5.15 -25.37
N LEU B 164 13.00 5.10 -25.77
CA LEU B 164 12.58 4.35 -26.96
C LEU B 164 12.80 5.12 -28.26
N GLY B 165 13.15 6.41 -28.17
CA GLY B 165 13.39 7.25 -29.34
C GLY B 165 12.90 8.67 -29.16
N TYR B 166 11.87 9.03 -29.92
CA TYR B 166 11.29 10.37 -29.90
C TYR B 166 9.78 10.34 -29.87
N GLU B 167 9.20 11.33 -29.21
CA GLU B 167 7.77 11.47 -29.15
C GLU B 167 7.39 12.75 -29.85
N LEU B 168 6.39 12.67 -30.74
CA LEU B 168 5.89 13.83 -31.43
C LEU B 168 4.51 14.12 -30.86
N ASP B 169 4.28 15.34 -30.40
CA ASP B 169 2.99 15.75 -29.86
C ASP B 169 2.39 16.68 -30.89
N ILE B 171 -1.42 18.35 -33.06
CA ILE B 171 -2.84 18.57 -33.21
C ILE B 171 -3.14 18.27 -34.67
N ASP B 172 -3.97 17.27 -34.89
CA ASP B 172 -4.32 16.83 -36.24
C ASP B 172 -5.82 16.94 -36.38
N ASN B 173 -6.24 17.95 -37.14
CA ASN B 173 -7.65 18.22 -37.37
C ASN B 173 -8.44 18.27 -36.06
N GLN B 174 -7.90 19.03 -35.11
CA GLN B 174 -8.50 19.23 -33.77
C GLN B 174 -8.47 18.02 -32.83
N ILE B 175 -7.65 17.02 -33.13
CA ILE B 175 -7.46 15.88 -32.26
C ILE B 175 -6.02 15.94 -31.77
N TYR B 176 -5.81 15.82 -30.47
CA TYR B 176 -4.46 15.80 -29.91
C TYR B 176 -3.92 14.38 -30.02
N LYS B 177 -2.86 14.22 -30.80
CA LYS B 177 -2.23 12.92 -31.05
C LYS B 177 -0.79 12.87 -30.60
N VAL B 178 -0.36 11.70 -30.12
CA VAL B 178 1.01 11.46 -29.70
C VAL B 178 1.56 10.30 -30.52
N ALA B 179 2.63 10.57 -31.26
CA ALA B 179 3.27 9.56 -32.10
C ALA B 179 4.62 9.21 -31.50
N GLN B 180 4.98 7.93 -31.52
CA GLN B 180 6.28 7.48 -31.04
C GLN B 180 7.15 7.05 -32.22
N LEU B 181 8.37 7.56 -32.27
CA LEU B 181 9.33 7.19 -33.27
C LEU B 181 10.46 6.48 -32.53
N ASN B 182 11.20 5.64 -33.26
CA ASN B 182 12.38 4.99 -32.68
C ASN B 182 13.56 5.94 -32.85
N LYS B 183 14.77 5.52 -32.44
CA LYS B 183 15.97 6.39 -32.50
C LYS B 183 16.40 6.80 -33.90
N ASP B 184 15.87 6.15 -34.93
CA ASP B 184 16.14 6.55 -36.32
C ASP B 184 14.96 7.36 -36.87
N TYR B 185 14.09 7.81 -35.98
CA TYR B 185 12.90 8.59 -36.37
C TYR B 185 11.87 7.78 -37.19
N ARG B 186 11.91 6.44 -37.13
CA ARG B 186 10.94 5.63 -37.85
C ARG B 186 9.69 5.45 -36.98
N TRP B 187 8.53 5.66 -37.58
CA TRP B 187 7.25 5.60 -36.88
C TRP B 187 6.97 4.24 -36.24
N GLN B 188 6.49 4.27 -35.01
CA GLN B 188 6.15 3.06 -34.24
C GLN B 188 4.67 3.01 -33.90
N SER B 189 4.12 4.15 -33.49
CA SER B 189 2.72 4.21 -33.11
C SER B 189 2.16 5.61 -33.05
N THR B 190 0.83 5.68 -33.01
CA THR B 190 0.12 6.94 -32.83
C THR B 190 -1.04 6.63 -31.93
N THR B 191 -1.30 7.52 -30.97
CA THR B 191 -2.41 7.31 -30.08
C THR B 191 -3.12 8.63 -29.76
N TRP B 192 -4.40 8.53 -29.48
CA TRP B 192 -5.23 9.68 -29.11
C TRP B 192 -6.49 9.21 -28.44
N ALA B 193 -7.08 10.13 -27.68
CA ALA B 193 -8.26 9.88 -26.88
C ALA B 193 -9.53 10.02 -27.68
N SER B 195 -14.19 9.66 -27.50
CA SER B 195 -15.41 9.46 -26.75
C SER B 195 -16.04 8.19 -27.23
N GLU B 196 -16.97 7.66 -26.44
CA GLU B 196 -17.69 6.44 -26.82
C GLU B 196 -18.44 6.59 -28.14
N GLN B 197 -18.92 7.79 -28.43
CA GLN B 197 -19.67 8.04 -29.68
C GLN B 197 -18.79 7.88 -30.91
N GLU B 198 -17.51 8.21 -30.77
CA GLU B 198 -16.55 8.09 -31.88
C GLU B 198 -16.03 6.65 -32.10
N VAL B 199 -16.13 5.78 -31.09
CA VAL B 199 -15.66 4.39 -31.22
C VAL B 199 -16.52 3.60 -32.21
N PRO B 200 -15.87 2.81 -33.09
CA PRO B 200 -16.67 2.03 -34.03
C PRO B 200 -17.71 1.16 -33.33
N GLN B 201 -18.88 1.05 -33.92
CA GLN B 201 -19.98 0.30 -33.33
C GLN B 201 -19.62 -1.14 -33.00
N ILE B 202 -18.88 -1.81 -33.87
CA ILE B 202 -18.51 -3.21 -33.62
C ILE B 202 -17.63 -3.32 -32.36
N VAL B 203 -16.79 -2.31 -32.13
CA VAL B 203 -15.92 -2.27 -30.96
C VAL B 203 -16.74 -1.97 -29.68
N GLN B 205 -19.89 -2.72 -29.22
CA GLN B 205 -20.70 -3.91 -28.94
C GLN B 205 -19.83 -4.97 -28.26
N GLY B 206 -18.56 -5.02 -28.64
CA GLY B 206 -17.60 -5.94 -28.05
C GLY B 206 -17.39 -5.60 -26.58
N PHE B 207 -17.17 -4.32 -26.30
CA PHE B 207 -16.98 -3.88 -24.93
C PHE B 207 -18.22 -4.11 -24.09
N GLU B 208 -19.38 -3.70 -24.63
CA GLU B 208 -20.66 -3.81 -23.93
C GLU B 208 -21.12 -5.25 -23.66
N SER B 209 -20.56 -6.22 -24.37
CA SER B 209 -20.89 -7.61 -24.11
C SER B 209 -19.74 -8.31 -23.38
N SER B 210 -18.70 -7.57 -23.01
CA SER B 210 -17.55 -8.18 -22.32
C SER B 210 -17.76 -8.16 -20.81
N ALA B 211 -16.81 -8.75 -20.09
CA ALA B 211 -16.83 -8.77 -18.62
C ALA B 211 -16.72 -7.37 -18.01
N TYR B 212 -16.22 -6.42 -18.78
CA TYR B 212 -15.95 -5.07 -18.28
C TYR B 212 -17.03 -4.04 -18.57
N ALA B 213 -18.14 -4.50 -19.16
CA ALA B 213 -19.25 -3.65 -19.55
C ALA B 213 -19.78 -2.79 -18.40
N SER B 214 -19.85 -3.34 -17.19
CA SER B 214 -20.42 -2.60 -16.06
C SER B 214 -19.42 -1.70 -15.32
N ASP B 215 -18.13 -1.82 -15.61
CA ASP B 215 -17.12 -0.99 -14.95
C ASP B 215 -17.18 0.43 -15.49
N LYS B 216 -16.71 1.38 -14.69
CA LYS B 216 -16.67 2.77 -15.07
C LYS B 216 -15.57 3.00 -16.10
N VAL B 217 -15.90 3.65 -17.21
CA VAL B 217 -14.89 3.94 -18.22
C VAL B 217 -14.17 5.22 -17.86
N GLN B 218 -12.88 5.15 -17.60
CA GLN B 218 -12.08 6.32 -17.27
C GLN B 218 -11.62 7.05 -18.54
N SER B 219 -11.25 6.28 -19.56
CA SER B 219 -10.84 6.83 -20.84
C SER B 219 -10.83 5.76 -21.93
N ILE B 220 -10.87 6.23 -23.18
CA ILE B 220 -10.75 5.35 -24.35
C ILE B 220 -9.75 6.00 -25.28
N TYR B 221 -8.72 5.22 -25.64
CA TYR B 221 -7.69 5.65 -26.57
C TYR B 221 -7.56 4.71 -27.76
N THR B 222 -7.36 5.27 -28.96
CA THR B 222 -7.08 4.48 -30.14
CA THR B 222 -7.08 4.41 -30.08
C THR B 222 -5.56 4.37 -30.19
N LEU B 223 -5.06 3.20 -30.57
CA LEU B 223 -3.65 2.98 -30.74
C LEU B 223 -3.48 2.38 -32.12
N LEU B 224 -2.61 3.00 -32.92
CA LEU B 224 -2.28 2.55 -34.27
C LEU B 224 -0.81 2.17 -34.23
N ASN B 225 -0.47 0.98 -34.72
CA ASN B 225 0.93 0.56 -34.79
C ASN B 225 1.11 -0.41 -35.97
N ALA B 226 2.31 -0.96 -36.14
CA ALA B 226 2.56 -1.93 -37.21
C ALA B 226 1.55 -3.07 -37.25
N ASN B 227 1.01 -3.48 -36.11
CA ASN B 227 0.12 -4.66 -36.04
C ASN B 227 -1.37 -4.37 -36.20
N GLY B 228 -1.74 -3.12 -36.23
CA GLY B 228 -3.13 -2.79 -36.48
C GLY B 228 -3.60 -1.57 -35.76
N THR B 229 -4.92 -1.49 -35.65
CA THR B 229 -5.64 -0.43 -34.95
C THR B 229 -6.32 -1.05 -33.74
N PHE B 230 -6.15 -0.40 -32.58
CA PHE B 230 -6.67 -0.94 -31.32
C PHE B 230 -7.42 0.10 -30.49
N TYR B 231 -8.24 -0.38 -29.58
CA TYR B 231 -9.03 0.49 -28.71
C TYR B 231 -8.79 0.06 -27.26
N LEU B 232 -8.19 0.99 -26.49
CA LEU B 232 -7.82 0.77 -25.10
C LEU B 232 -8.84 1.41 -24.18
N PHE B 233 -9.60 0.56 -23.49
CA PHE B 233 -10.59 1.00 -22.54
C PHE B 233 -10.00 0.93 -21.15
N LYS B 234 -9.73 2.09 -20.55
CA LYS B 234 -9.24 2.13 -19.17
C LYS B 234 -10.48 2.20 -18.33
N VAL B 235 -10.76 1.12 -17.61
CA VAL B 235 -11.93 1.04 -16.75
C VAL B 235 -11.52 0.89 -15.28
N SER B 236 -12.47 1.13 -14.38
CA SER B 236 -12.20 1.05 -12.95
C SER B 236 -13.35 0.44 -12.17
N HIS B 237 -12.99 -0.11 -11.01
CA HIS B 237 -13.94 -0.71 -10.08
C HIS B 237 -13.26 -0.74 -8.71
N ASN B 238 -13.97 -0.29 -7.67
CA ASN B 238 -13.39 -0.19 -6.33
C ASN B 238 -12.10 0.63 -6.36
N GLY B 239 -12.06 1.63 -7.22
CA GLY B 239 -10.88 2.49 -7.37
C GLY B 239 -9.66 1.84 -8.02
N GLN B 240 -9.81 0.61 -8.52
CA GLN B 240 -8.72 -0.09 -9.18
C GLN B 240 -8.89 0.04 -10.69
N ASP B 241 -7.83 0.42 -11.39
CA ASP B 241 -7.86 0.58 -12.84
C ASP B 241 -7.31 -0.63 -13.59
N LYS B 242 -7.85 -0.85 -14.80
CA LYS B 242 -7.40 -1.90 -15.69
CA LYS B 242 -7.39 -1.90 -15.70
C LYS B 242 -7.63 -1.43 -17.12
N THR B 243 -6.67 -1.68 -18.00
CA THR B 243 -6.80 -1.27 -19.39
C THR B 243 -7.01 -2.51 -20.23
N ILE B 244 -8.17 -2.56 -20.89
CA ILE B 244 -8.59 -3.67 -21.75
C ILE B 244 -8.47 -3.24 -23.21
N THR B 245 -7.69 -3.99 -23.98
CA THR B 245 -7.45 -3.69 -25.40
C THR B 245 -8.33 -4.52 -26.34
N PHE B 246 -9.02 -3.84 -27.24
CA PHE B 246 -9.86 -4.47 -28.24
C PHE B 246 -9.31 -4.20 -29.63
N ASP B 247 -9.45 -5.18 -30.52
CA ASP B 247 -9.00 -5.04 -31.91
C ASP B 247 -10.15 -4.48 -32.77
N VAL B 248 -9.94 -4.37 -34.08
CA VAL B 248 -10.98 -3.78 -34.95
C VAL B 248 -12.23 -4.64 -35.07
N PHE B 249 -12.13 -5.92 -34.68
CA PHE B 249 -13.28 -6.83 -34.72
C PHE B 249 -14.07 -6.79 -33.41
N GLY B 250 -13.65 -5.96 -32.46
CA GLY B 250 -14.34 -5.85 -31.17
C GLY B 250 -14.01 -6.99 -30.21
N ASN B 251 -12.92 -7.70 -30.45
CA ASN B 251 -12.49 -8.79 -29.59
C ASN B 251 -11.34 -8.35 -28.70
N ILE B 252 -11.32 -8.84 -27.45
CA ILE B 252 -10.25 -8.51 -26.53
C ILE B 252 -8.98 -9.17 -27.01
N VAL B 253 -7.87 -8.44 -27.06
CA VAL B 253 -6.59 -9.02 -27.46
C VAL B 253 -5.58 -8.85 -26.34
N HIS C 4 25.80 -25.24 17.24
CA HIS C 4 25.61 -25.29 18.72
C HIS C 4 25.24 -23.90 19.28
N GLN C 5 24.20 -23.28 18.71
CA GLN C 5 23.72 -21.95 19.14
C GLN C 5 22.63 -22.06 20.21
N GLY C 6 22.75 -21.29 21.28
CA GLY C 6 21.80 -21.38 22.39
C GLY C 6 22.11 -22.62 23.23
N ILE C 7 21.18 -23.02 24.08
CA ILE C 7 21.39 -24.19 24.95
C ILE C 7 20.53 -25.37 24.48
N ILE C 8 20.79 -26.56 25.03
CA ILE C 8 20.04 -27.75 24.65
C ILE C 8 18.82 -27.85 25.56
N PRO C 9 17.62 -27.84 24.97
CA PRO C 9 16.44 -27.93 25.84
C PRO C 9 16.23 -29.34 26.45
N LEU C 10 15.57 -29.40 27.60
CA LEU C 10 15.19 -30.68 28.18
C LEU C 10 14.25 -31.34 27.17
N PRO C 11 14.34 -32.69 27.05
CA PRO C 11 13.48 -33.36 26.05
C PRO C 11 11.97 -33.00 26.10
N PRO C 12 11.35 -32.92 27.29
CA PRO C 12 9.93 -32.57 27.35
C PRO C 12 9.64 -31.14 26.87
N VAL C 13 10.64 -30.25 26.99
CA VAL C 13 10.51 -28.89 26.49
C VAL C 13 10.60 -28.95 24.96
N GLU C 14 11.60 -29.66 24.43
CA GLU C 14 11.74 -29.81 22.98
C GLU C 14 10.46 -30.42 22.37
N ASN C 15 9.93 -31.45 23.01
CA ASN C 15 8.73 -32.13 22.53
C ASN C 15 7.49 -31.21 22.52
N ALA C 16 7.29 -30.46 23.59
CA ALA C 16 6.14 -29.56 23.65
C ALA C 16 6.31 -28.45 22.61
N PHE C 17 7.54 -27.96 22.44
CA PHE C 17 7.84 -26.93 21.45
C PHE C 17 7.51 -27.41 20.03
N GLN C 18 8.03 -28.59 19.64
CA GLN C 18 7.80 -29.13 18.31
C GLN C 18 6.33 -29.44 18.05
N GLU C 19 5.61 -29.92 19.07
CA GLU C 19 4.21 -30.21 18.91
C GLU C 19 3.39 -28.92 18.70
N LYS C 20 3.68 -27.86 19.45
CA LYS C 20 2.91 -26.64 19.32
C LYS C 20 3.30 -25.83 18.07
N TYR C 21 4.56 -25.91 17.68
CA TYR C 21 5.03 -25.15 16.54
C TYR C 21 5.67 -26.05 15.51
N PRO C 22 4.85 -26.86 14.82
CA PRO C 22 5.40 -27.81 13.85
C PRO C 22 6.17 -27.17 12.69
N ASP C 23 5.89 -25.91 12.38
CA ASP C 23 6.57 -25.24 11.24
C ASP C 23 7.65 -24.22 11.67
N ALA C 24 8.08 -24.30 12.92
CA ALA C 24 9.11 -23.40 13.43
C ALA C 24 10.43 -23.54 12.65
N LYS C 25 11.09 -22.42 12.39
CA LYS C 25 12.39 -22.43 11.71
C LYS C 25 13.42 -21.77 12.60
N ASN C 26 14.66 -22.25 12.51
CA ASN C 26 15.79 -21.69 13.25
C ASN C 26 15.61 -21.50 14.77
N PRO C 27 15.06 -22.50 15.47
CA PRO C 27 14.87 -22.37 16.91
C PRO C 27 16.18 -22.22 17.67
N VAL C 28 16.22 -21.29 18.62
CA VAL C 28 17.37 -21.11 19.49
C VAL C 28 16.84 -20.98 20.90
N PHE C 29 17.27 -21.88 21.78
CA PHE C 29 16.83 -21.87 23.19
C PHE C 29 17.82 -21.18 24.13
N GLU C 30 17.28 -20.55 25.16
CA GLU C 30 18.07 -20.02 26.26
C GLU C 30 17.25 -20.27 27.52
N ILE C 31 17.90 -20.14 28.67
CA ILE C 31 17.21 -20.21 29.96
C ILE C 31 17.12 -18.77 30.48
N GLU C 32 15.92 -18.33 30.83
CA GLU C 32 15.70 -16.97 31.34
C GLU C 32 14.81 -17.07 32.55
N GLY C 33 15.39 -16.81 33.72
CA GLY C 33 14.69 -16.96 34.97
C GLY C 33 14.30 -18.43 35.10
N ASN C 34 13.04 -18.66 35.43
CA ASN C 34 12.51 -20.02 35.59
C ASN C 34 12.05 -20.71 34.30
N TYR C 35 12.36 -20.16 33.14
CA TYR C 35 11.77 -20.67 31.89
C TYR C 35 12.76 -20.98 30.81
N TYR C 36 12.39 -21.95 29.98
CA TYR C 36 13.09 -22.22 28.74
C TYR C 36 12.44 -21.31 27.71
N VAL C 37 13.27 -20.48 27.07
CA VAL C 37 12.79 -19.49 26.13
C VAL C 37 13.37 -19.80 24.78
N VAL C 38 12.49 -19.89 23.77
CA VAL C 38 12.93 -20.21 22.41
C VAL C 38 12.55 -19.11 21.40
N ASP C 39 13.55 -18.63 20.67
CA ASP C 39 13.38 -17.70 19.58
C ASP C 39 13.37 -18.51 18.29
N PHE C 40 12.40 -18.23 17.44
CA PHE C 40 12.22 -18.93 16.19
C PHE C 40 11.37 -18.13 15.23
N ASN C 41 11.31 -18.60 13.99
CA ASN C 41 10.52 -17.99 12.94
C ASN C 41 9.34 -18.91 12.67
N ASN C 42 8.15 -18.33 12.55
CA ASN C 42 6.95 -19.07 12.30
C ASN C 42 6.01 -18.23 11.41
N GLY C 43 5.64 -18.76 10.25
CA GLY C 43 4.82 -18.00 9.29
C GLY C 43 5.48 -16.68 8.86
N GLY C 44 6.81 -16.62 8.89
CA GLY C 44 7.53 -15.42 8.52
C GLY C 44 7.74 -14.45 9.66
N SER C 45 7.12 -14.72 10.81
CA SER C 45 7.28 -13.89 11.99
C SER C 45 8.32 -14.39 13.00
N GLU C 46 9.21 -13.49 13.38
CA GLU C 46 10.07 -13.71 14.49
C GLU C 46 9.13 -13.88 15.68
N THR C 47 9.34 -14.96 16.43
CA THR C 47 8.52 -15.35 17.56
C THR C 47 9.40 -15.81 18.72
N THR C 48 8.85 -15.69 19.92
CA THR C 48 9.48 -16.17 21.12
C THR C 48 8.43 -16.92 21.89
N ALA C 49 8.78 -18.08 22.46
CA ALA C 49 7.86 -18.85 23.28
C ALA C 49 8.55 -19.22 24.59
N TRP C 50 7.75 -19.29 25.66
CA TRP C 50 8.23 -19.59 26.98
C TRP C 50 7.59 -20.86 27.49
N PHE C 51 8.42 -21.75 28.04
CA PHE C 51 8.00 -23.03 28.57
C PHE C 51 8.58 -23.26 29.96
N THR C 52 7.82 -23.91 30.85
CA THR C 52 8.37 -24.31 32.14
C THR C 52 9.36 -25.46 31.88
N ASP C 53 10.12 -25.84 32.90
CA ASP C 53 11.09 -26.94 32.71
C ASP C 53 10.40 -28.31 32.56
N GLN C 54 9.07 -28.36 32.68
CA GLN C 54 8.31 -29.57 32.42
C GLN C 54 7.64 -29.53 31.04
N GLY C 55 7.91 -28.51 30.25
CA GLY C 55 7.32 -28.40 28.93
C GLY C 55 5.94 -27.76 28.89
N ILE C 56 5.51 -27.09 29.96
CA ILE C 56 4.22 -26.45 29.96
C ILE C 56 4.40 -25.09 29.29
N TRP C 57 3.70 -24.90 28.17
CA TRP C 57 3.73 -23.64 27.43
C TRP C 57 3.11 -22.52 28.30
N GLU C 60 3.67 -16.73 24.32
CA GLU C 60 4.33 -16.47 23.04
C GLU C 60 4.25 -14.97 22.79
N LYS C 61 5.24 -14.46 22.07
CA LYS C 61 5.26 -13.08 21.64
C LYS C 61 5.59 -13.16 20.17
N ILE C 62 4.73 -12.60 19.32
CA ILE C 62 4.86 -12.66 17.87
C ILE C 62 5.08 -11.29 17.26
N ASP C 63 6.10 -11.16 16.41
CA ASP C 63 6.37 -9.91 15.72
C ASP C 63 5.33 -9.82 14.60
N ILE C 64 4.47 -8.81 14.68
CA ILE C 64 3.39 -8.59 13.72
C ILE C 64 3.55 -7.20 13.07
N SER C 65 2.64 -6.87 12.15
CA SER C 65 2.66 -5.59 11.47
CA SER C 65 2.68 -5.57 11.48
C SER C 65 1.53 -4.70 11.98
N PHE C 66 1.79 -3.40 12.04
CA PHE C 66 0.78 -2.44 12.46
C PHE C 66 -0.46 -2.55 11.56
N ALA C 67 -0.26 -2.81 10.26
CA ALA C 67 -1.39 -2.93 9.31
C ALA C 67 -2.32 -4.08 9.64
N GLN C 68 -1.82 -5.14 10.29
CA GLN C 68 -2.66 -6.30 10.61
C GLN C 68 -3.31 -6.24 11.98
N LEU C 69 -3.13 -5.14 12.72
CA LEU C 69 -3.82 -4.97 14.00
C LEU C 69 -5.31 -4.93 13.76
N PRO C 70 -6.11 -5.36 14.77
CA PRO C 70 -7.54 -5.14 14.64
C PRO C 70 -7.79 -3.63 14.52
N ALA C 71 -8.79 -3.24 13.74
CA ALA C 71 -9.14 -1.85 13.54
C ALA C 71 -9.24 -1.07 14.85
N ALA C 72 -9.85 -1.68 15.87
CA ALA C 72 -10.01 -1.03 17.19
C ALA C 72 -8.69 -0.65 17.84
N VAL C 73 -7.66 -1.47 17.63
CA VAL C 73 -6.35 -1.19 18.22
C VAL C 73 -5.59 -0.12 17.42
N SER C 74 -5.57 -0.22 16.10
CA SER C 74 -4.87 0.78 15.29
C SER C 74 -5.54 2.15 15.49
N THR C 75 -6.87 2.14 15.59
CA THR C 75 -7.62 3.37 15.85
C THR C 75 -7.31 3.93 17.24
N ALA C 76 -7.24 3.08 18.27
CA ALA C 76 -6.93 3.57 19.62
C ALA C 76 -5.58 4.27 19.58
N PHE C 77 -4.62 3.67 18.89
CA PHE C 77 -3.29 4.28 18.78
C PHE C 77 -3.39 5.65 18.09
N LYS C 78 -4.17 5.73 17.01
CA LYS C 78 -4.31 6.96 16.24
C LYS C 78 -4.99 8.07 17.03
N GLN C 79 -5.76 7.71 18.06
CA GLN C 79 -6.42 8.67 18.92
C GLN C 79 -5.68 8.85 20.25
N SER C 80 -4.51 8.22 20.42
CA SER C 80 -3.78 8.28 21.68
C SER C 80 -2.90 9.52 21.77
N PHE C 81 -2.33 9.70 22.96
CA PHE C 81 -1.39 10.77 23.21
C PHE C 81 -0.19 10.68 22.26
N TYR C 82 0.15 9.44 21.91
CA TYR C 82 1.34 9.16 21.11
C TYR C 82 1.08 8.94 19.61
N SER C 83 -0.09 9.37 19.14
CA SER C 83 -0.52 9.12 17.76
C SER C 83 0.45 9.57 16.69
N ASN C 84 1.24 10.60 16.98
CA ASN C 84 2.21 11.13 16.02
C ASN C 84 3.59 10.47 16.08
N TRP C 85 3.80 9.55 17.02
CA TRP C 85 5.10 8.90 17.18
C TRP C 85 5.30 7.78 16.17
N THR C 86 6.54 7.51 15.80
CA THR C 86 6.85 6.44 14.88
C THR C 86 6.73 5.08 15.55
N VAL C 87 5.96 4.18 14.94
CA VAL C 87 5.81 2.83 15.47
C VAL C 87 7.00 2.02 15.03
N ASP C 88 7.89 1.68 15.98
CA ASP C 88 9.09 0.86 15.72
C ASP C 88 8.80 -0.61 15.57
N ASP C 89 7.81 -1.12 16.30
CA ASP C 89 7.45 -2.54 16.24
C ASP C 89 6.11 -2.74 16.90
N THR C 90 5.45 -3.81 16.49
CA THR C 90 4.15 -4.21 16.98
C THR C 90 4.26 -5.70 17.32
N TYR C 91 3.68 -6.12 18.43
CA TYR C 91 3.68 -7.52 18.83
C TYR C 91 2.32 -7.98 19.30
N ALA C 92 2.07 -9.27 19.11
CA ALA C 92 0.94 -9.97 19.68
C ALA C 92 1.50 -10.81 20.83
N ILE C 93 0.91 -10.69 22.00
CA ILE C 93 1.31 -11.48 23.16
C ILE C 93 0.13 -12.33 23.64
N ASN C 94 0.36 -13.65 23.70
CA ASN C 94 -0.62 -14.58 24.22
C ASN C 94 -0.01 -15.29 25.40
N ARG C 95 -0.62 -15.17 26.57
CA ARG C 95 -0.15 -15.86 27.75
C ARG C 95 -1.15 -16.94 28.13
N LEU C 96 -0.66 -17.98 28.80
CA LEU C 96 -1.51 -19.09 29.24
C LEU C 96 -2.70 -18.59 30.06
N ASN C 97 -3.89 -19.00 29.63
CA ASN C 97 -5.18 -18.66 30.27
C ASN C 97 -5.53 -17.16 30.30
N GLY C 99 -6.30 -13.62 27.53
CA GLY C 99 -6.66 -13.19 26.19
C GLY C 99 -5.48 -12.47 25.57
N ILE C 100 -5.61 -12.18 24.28
CA ILE C 100 -4.55 -11.54 23.52
C ILE C 100 -4.29 -10.10 23.97
N VAL C 101 -3.01 -9.72 23.92
CA VAL C 101 -2.58 -8.38 24.23
C VAL C 101 -1.66 -7.93 23.09
N TYR C 102 -1.92 -6.72 22.57
CA TYR C 102 -1.11 -6.14 21.52
C TYR C 102 -0.20 -5.08 22.12
N LYS C 103 1.07 -5.13 21.74
CA LYS C 103 2.06 -4.20 22.20
C LYS C 103 2.56 -3.36 21.02
N ILE C 104 2.50 -2.05 21.18
CA ILE C 104 3.03 -1.11 20.19
C ILE C 104 4.21 -0.39 20.81
N GLU C 105 5.36 -0.42 20.15
CA GLU C 105 6.54 0.29 20.61
C GLU C 105 6.65 1.51 19.70
N ALA C 106 6.56 2.69 20.30
CA ALA C 106 6.51 3.95 19.59
C ALA C 106 7.64 4.85 20.04
N GLU C 107 8.26 5.57 19.10
CA GLU C 107 9.34 6.47 19.47
C GLU C 107 9.26 7.83 18.77
N GLN C 108 9.95 8.80 19.37
CA GLN C 108 10.01 10.15 18.87
C GLN C 108 11.18 10.84 19.55
N SER C 109 12.06 11.40 18.73
CA SER C 109 13.25 12.10 19.19
C SER C 109 14.01 11.14 20.10
N ASN C 110 14.22 11.36 21.37
CA ASN C 110 14.95 10.20 21.99
C ASN C 110 14.13 9.42 23.02
N SER C 111 12.82 9.47 22.86
CA SER C 111 11.92 8.82 23.79
C SER C 111 11.26 7.64 23.10
N GLU C 112 10.91 6.64 23.91
CA GLU C 112 10.24 5.47 23.38
C GLU C 112 9.31 4.93 24.47
N VAL C 113 8.07 4.64 24.05
CA VAL C 113 7.05 4.15 24.95
C VAL C 113 6.54 2.81 24.46
N ASP C 114 6.11 1.97 25.41
CA ASP C 114 5.46 0.70 25.13
C ASP C 114 4.01 0.84 25.51
N LEU C 115 3.10 0.63 24.55
CA LEU C 115 1.67 0.72 24.74
C LEU C 115 1.07 -0.67 24.60
N TYR C 116 0.28 -1.09 25.57
CA TYR C 116 -0.32 -2.43 25.56
C TYR C 116 -1.81 -2.27 25.49
N TYR C 117 -2.43 -2.94 24.53
CA TYR C 117 -3.85 -2.84 24.30
C TYR C 117 -4.56 -4.16 24.25
N SER C 118 -5.83 -4.12 24.61
CA SER C 118 -6.72 -5.24 24.43
C SER C 118 -7.09 -5.25 22.94
N GLN C 119 -7.74 -6.32 22.53
CA GLN C 119 -8.20 -6.45 21.15
C GLN C 119 -9.28 -5.42 20.80
N TYR C 120 -9.87 -4.77 21.80
CA TYR C 120 -10.86 -3.72 21.55
C TYR C 120 -10.24 -2.33 21.59
N GLY C 121 -8.92 -2.28 21.74
CA GLY C 121 -8.22 -1.00 21.81
C GLY C 121 -8.24 -0.34 23.18
N ASN C 122 -8.51 -1.09 24.24
CA ASN C 122 -8.46 -0.53 25.58
C ASN C 122 -7.00 -0.47 26.02
N LEU C 123 -6.52 0.70 26.46
CA LEU C 123 -5.13 0.80 26.91
C LEU C 123 -4.97 0.10 28.26
N ILE C 124 -4.17 -0.97 28.28
CA ILE C 124 -3.95 -1.76 29.50
C ILE C 124 -2.87 -1.08 30.32
N LYS C 125 -1.79 -0.67 29.66
CA LYS C 125 -0.76 0.09 30.31
C LYS C 125 0.16 0.73 29.26
N ALA C 126 0.87 1.75 29.71
CA ALA C 126 1.84 2.50 28.93
C ALA C 126 3.07 2.63 29.78
N VAL C 127 4.23 2.23 29.29
CA VAL C 127 5.45 2.36 30.08
C VAL C 127 6.61 2.79 29.22
N ASP C 128 7.67 3.30 29.86
CA ASP C 128 8.92 3.60 29.15
C ASP C 128 9.42 2.29 28.57
N ASP C 129 9.94 2.33 27.35
CA ASP C 129 10.42 1.13 26.72
C ASP C 129 11.69 0.62 27.40
N GLU C 130 11.70 -0.68 27.69
CA GLU C 130 12.84 -1.38 28.28
CA GLU C 130 12.85 -1.38 28.27
C GLU C 130 12.96 -2.73 27.58
N ILE C 131 14.19 -3.14 27.30
CA ILE C 131 14.43 -4.43 26.67
C ILE C 131 14.01 -5.56 27.66
N ASN C 132 13.50 -6.67 27.12
CA ASN C 132 13.05 -7.84 27.92
C ASN C 132 12.05 -7.51 29.02
N ASN C 133 11.11 -6.61 28.75
CA ASN C 133 10.13 -6.24 29.80
C ASN C 133 8.84 -7.07 29.70
N ASP C 134 8.84 -8.09 28.85
CA ASP C 134 7.67 -8.99 28.66
C ASP C 134 8.05 -10.43 29.07
N ALA C 135 7.40 -10.92 30.11
CA ALA C 135 7.67 -12.25 30.63
C ALA C 135 6.36 -12.92 31.04
N PRO C 136 6.39 -14.24 31.29
CA PRO C 136 5.17 -14.91 31.70
C PRO C 136 4.59 -14.37 33.00
N ILE C 137 3.29 -14.59 33.19
CA ILE C 137 2.61 -14.19 34.39
C ILE C 137 1.92 -15.43 34.95
N VAL C 138 2.39 -15.89 36.10
CA VAL C 138 1.76 -17.01 36.77
C VAL C 138 0.50 -16.45 37.42
N ILE C 139 -0.66 -17.03 37.10
CA ILE C 139 -1.91 -16.61 37.71
C ILE C 139 -2.02 -17.24 39.10
N PRO C 140 -1.96 -16.43 40.18
CA PRO C 140 -2.10 -17.04 41.51
C PRO C 140 -3.45 -17.70 41.72
N LYS C 141 -3.48 -18.72 42.58
CA LYS C 141 -4.70 -19.47 42.88
C LYS C 141 -5.85 -18.55 43.32
N GLU C 142 -5.53 -17.54 44.12
CA GLU C 142 -6.52 -16.58 44.58
C GLU C 142 -7.21 -15.92 43.39
N VAL C 143 -6.44 -15.58 42.35
CA VAL C 143 -7.00 -14.93 41.17
C VAL C 143 -7.84 -15.88 40.35
N SER C 144 -7.37 -17.11 40.13
CA SER C 144 -8.14 -18.11 39.37
CA SER C 144 -8.14 -18.09 39.36
C SER C 144 -9.45 -18.40 40.08
N ASN C 145 -9.41 -18.51 41.41
CA ASN C 145 -10.63 -18.75 42.18
C ASN C 145 -11.61 -17.59 41.98
N LEU C 146 -11.12 -16.37 42.14
CA LEU C 146 -11.96 -15.16 41.97
C LEU C 146 -12.58 -15.12 40.58
N GLU C 148 -13.20 -17.60 38.49
CA GLU C 148 -14.21 -18.67 38.37
C GLU C 148 -15.53 -18.37 39.06
N ILE C 149 -15.44 -17.86 40.29
CA ILE C 149 -16.65 -17.57 41.05
CA ILE C 149 -16.62 -17.55 41.09
C ILE C 149 -17.30 -16.23 40.68
N THR C 150 -16.52 -15.15 40.66
CA THR C 150 -17.08 -13.83 40.41
C THR C 150 -17.07 -13.32 38.96
N PHE C 151 -16.17 -13.80 38.12
CA PHE C 151 -16.09 -13.35 36.74
C PHE C 151 -16.03 -14.57 35.82
N ALA C 152 -16.96 -15.50 36.04
CA ALA C 152 -16.99 -16.81 35.36
C ALA C 152 -16.82 -16.71 33.85
N ASN C 153 -17.53 -15.80 33.22
CA ASN C 153 -17.45 -15.64 31.77
C ASN C 153 -16.29 -14.76 31.25
N ALA C 154 -15.49 -14.18 32.15
CA ALA C 154 -14.44 -13.25 31.71
C ALA C 154 -13.13 -13.93 31.36
N GLU C 155 -12.36 -13.21 30.55
CA GLU C 155 -11.06 -13.63 30.09
CA GLU C 155 -11.03 -13.65 30.13
C GLU C 155 -10.04 -12.64 30.66
N LEU C 156 -9.09 -13.09 31.48
CA LEU C 156 -8.05 -12.20 31.98
C LEU C 156 -7.14 -11.78 30.87
N LEU C 157 -6.66 -10.53 30.93
CA LEU C 157 -5.65 -10.04 29.97
C LEU C 157 -4.35 -9.68 30.67
N ASP C 158 -4.41 -9.28 31.93
CA ASP C 158 -3.21 -8.88 32.64
C ASP C 158 -3.44 -8.83 34.15
N ILE C 159 -2.36 -8.92 34.90
CA ILE C 159 -2.39 -8.75 36.36
C ILE C 159 -1.27 -7.75 36.59
N GLN C 160 -1.59 -6.62 37.19
CA GLN C 160 -0.58 -5.61 37.44
C GLN C 160 -0.52 -5.30 38.91
N GLN C 161 0.68 -5.31 39.49
CA GLN C 161 0.83 -4.93 40.89
C GLN C 161 0.76 -3.42 41.01
N ASN C 162 0.19 -2.94 42.11
CA ASN C 162 0.18 -1.51 42.41
C ASN C 162 0.30 -1.37 43.93
N SER C 163 0.38 -0.13 44.40
CA SER C 163 0.57 0.15 45.83
C SER C 163 -0.56 -0.39 46.73
N LEU C 164 -1.79 -0.37 46.22
CA LEU C 164 -2.95 -0.84 47.00
C LEU C 164 -3.18 -2.35 46.86
N GLY C 165 -2.45 -3.01 45.97
CA GLY C 165 -2.58 -4.46 45.79
C GLY C 165 -2.34 -4.89 44.37
N TYR C 166 -3.39 -5.40 43.73
CA TYR C 166 -3.31 -5.89 42.36
C TYR C 166 -4.47 -5.44 41.50
N GLU C 167 -4.19 -5.20 40.23
CA GLU C 167 -5.20 -4.84 39.27
C GLU C 167 -5.41 -5.99 38.30
N LEU C 168 -6.66 -6.39 38.10
CA LEU C 168 -6.99 -7.37 37.09
C LEU C 168 -7.63 -6.64 35.90
N ASP C 169 -7.10 -6.91 34.70
CA ASP C 169 -7.64 -6.36 33.46
C ASP C 169 -8.27 -7.51 32.72
N ILE C 171 -11.73 -9.01 29.87
CA ILE C 171 -12.83 -8.86 28.94
C ILE C 171 -13.91 -9.78 29.46
N ASP C 172 -15.07 -9.21 29.77
CA ASP C 172 -16.21 -9.94 30.31
C ASP C 172 -17.37 -9.61 29.40
N ASN C 173 -17.81 -10.60 28.63
CA ASN C 173 -18.92 -10.42 27.70
C ASN C 173 -18.70 -9.20 26.80
N GLN C 174 -17.52 -9.12 26.21
CA GLN C 174 -17.13 -8.01 25.32
C GLN C 174 -16.93 -6.65 26.00
N ILE C 175 -16.98 -6.60 27.33
CA ILE C 175 -16.75 -5.35 28.08
C ILE C 175 -15.39 -5.41 28.76
N TYR C 176 -14.58 -4.38 28.55
CA TYR C 176 -13.28 -4.27 29.19
C TYR C 176 -13.49 -3.79 30.64
N LYS C 177 -13.08 -4.62 31.58
CA LYS C 177 -13.28 -4.29 32.98
C LYS C 177 -11.95 -4.31 33.70
N VAL C 178 -11.85 -3.48 34.72
CA VAL C 178 -10.66 -3.36 35.55
C VAL C 178 -11.10 -3.57 37.00
N ALA C 179 -10.55 -4.58 37.66
CA ALA C 179 -10.85 -4.87 39.06
C ALA C 179 -9.63 -4.57 39.90
N GLN C 180 -9.85 -4.04 41.10
CA GLN C 180 -8.77 -3.80 42.04
C GLN C 180 -8.91 -4.80 43.18
N LEU C 181 -7.80 -5.38 43.59
CA LEU C 181 -7.76 -6.32 44.69
C LEU C 181 -6.76 -5.77 45.67
N ASN C 182 -6.93 -6.10 46.96
CA ASN C 182 -5.97 -5.66 47.97
C ASN C 182 -4.76 -6.60 47.93
N LYS C 183 -3.81 -6.41 48.84
CA LYS C 183 -2.58 -7.21 48.83
C LYS C 183 -2.81 -8.69 49.10
N ASP C 184 -3.97 -9.07 49.62
CA ASP C 184 -4.28 -10.48 49.84
C ASP C 184 -5.18 -11.00 48.73
N TYR C 185 -5.20 -10.29 47.60
CA TYR C 185 -6.01 -10.66 46.45
C TYR C 185 -7.53 -10.60 46.73
N ARG C 186 -7.96 -9.86 47.75
CA ARG C 186 -9.38 -9.73 48.06
C ARG C 186 -9.98 -8.62 47.21
N TRP C 187 -11.14 -8.89 46.64
CA TRP C 187 -11.78 -7.94 45.74
C TRP C 187 -12.20 -6.64 46.42
N GLN C 188 -11.81 -5.52 45.83
CA GLN C 188 -12.16 -4.19 46.30
C GLN C 188 -13.16 -3.49 45.38
N SER C 189 -12.93 -3.55 44.07
CA SER C 189 -13.82 -2.88 43.12
C SER C 189 -13.67 -3.36 41.68
N THR C 190 -14.69 -3.09 40.88
CA THR C 190 -14.66 -3.32 39.44
C THR C 190 -15.15 -2.05 38.75
N THR C 191 -14.56 -1.67 37.63
CA THR C 191 -15.00 -0.49 36.93
C THR C 191 -14.92 -0.67 35.41
N TRP C 192 -15.85 -0.03 34.70
CA TRP C 192 -15.83 -0.04 33.23
C TRP C 192 -16.65 1.11 32.62
N ALA C 193 -16.30 1.44 31.38
CA ALA C 193 -16.93 2.51 30.65
C ALA C 193 -18.30 2.11 30.13
N SER C 195 -21.99 3.79 27.87
CA SER C 195 -22.59 4.84 27.09
C SER C 195 -23.81 5.33 27.82
N GLU C 196 -24.24 6.52 27.44
CA GLU C 196 -25.42 7.13 27.98
C GLU C 196 -26.62 6.20 27.81
N GLN C 197 -26.76 5.56 26.64
CA GLN C 197 -27.89 4.64 26.38
C GLN C 197 -28.00 3.50 27.41
N GLU C 198 -26.86 3.06 27.95
CA GLU C 198 -26.77 1.96 28.92
C GLU C 198 -26.99 2.37 30.39
N VAL C 199 -26.88 3.66 30.69
CA VAL C 199 -27.04 4.13 32.08
C VAL C 199 -28.53 4.09 32.46
N PRO C 200 -28.84 3.63 33.68
CA PRO C 200 -30.25 3.58 34.06
C PRO C 200 -30.87 4.97 33.96
N GLN C 201 -32.15 4.99 33.56
CA GLN C 201 -32.89 6.20 33.32
C GLN C 201 -32.89 7.14 34.53
N ILE C 202 -33.12 6.57 35.71
CA ILE C 202 -33.18 7.37 36.93
C ILE C 202 -31.85 8.10 37.20
N VAL C 203 -30.74 7.46 36.83
CA VAL C 203 -29.42 8.01 37.00
C VAL C 203 -29.19 9.12 35.97
N GLN C 205 -31.47 10.87 34.58
CA GLN C 205 -32.32 12.00 34.98
C GLN C 205 -31.66 12.79 36.13
N GLY C 206 -31.00 12.07 37.04
CA GLY C 206 -30.25 12.70 38.12
C GLY C 206 -29.16 13.61 37.58
N PHE C 207 -28.39 13.10 36.63
CA PHE C 207 -27.35 13.91 36.01
C PHE C 207 -27.92 15.12 35.26
N GLU C 208 -29.02 14.91 34.53
CA GLU C 208 -29.62 15.94 33.68
C GLU C 208 -30.29 17.06 34.49
N SER C 209 -30.61 16.79 35.73
CA SER C 209 -31.16 17.81 36.61
C SER C 209 -30.08 18.31 37.58
N SER C 210 -28.83 17.88 37.45
CA SER C 210 -27.79 18.32 38.38
C SER C 210 -27.09 19.57 37.87
N ALA C 211 -26.23 20.13 38.71
CA ALA C 211 -25.43 21.30 38.37
C ALA C 211 -24.57 21.05 37.16
N TYR C 212 -24.31 19.79 36.83
CA TYR C 212 -23.35 19.46 35.78
C TYR C 212 -23.99 19.11 34.44
N ALA C 213 -25.32 19.21 34.36
CA ALA C 213 -26.05 18.80 33.17
C ALA C 213 -25.56 19.48 31.89
N SER C 214 -25.12 20.72 32.00
CA SER C 214 -24.69 21.46 30.82
C SER C 214 -23.18 21.39 30.58
N ASP C 215 -22.42 20.65 31.38
CA ASP C 215 -20.99 20.49 31.12
C ASP C 215 -20.77 19.40 30.07
N LYS C 216 -19.62 19.42 29.40
CA LYS C 216 -19.32 18.40 28.40
C LYS C 216 -18.97 17.07 29.08
N VAL C 217 -19.68 16.00 28.72
CA VAL C 217 -19.43 14.70 29.32
C VAL C 217 -18.25 14.07 28.60
N GLN C 218 -17.18 13.82 29.31
CA GLN C 218 -15.98 13.19 28.71
C GLN C 218 -16.09 11.68 28.76
N SER C 219 -16.61 11.13 29.87
CA SER C 219 -16.79 9.69 29.99
C SER C 219 -17.74 9.39 31.13
N ILE C 220 -18.33 8.21 31.06
CA ILE C 220 -19.21 7.68 32.09
C ILE C 220 -18.69 6.28 32.41
N TYR C 221 -18.42 6.02 33.69
CA TYR C 221 -17.95 4.72 34.16
C TYR C 221 -18.82 4.21 35.27
N THR C 222 -19.04 2.90 35.32
CA THR C 222 -19.74 2.27 36.41
CA THR C 222 -19.75 2.35 36.44
C THR C 222 -18.66 1.83 37.37
N LEU C 223 -18.95 1.92 38.66
CA LEU C 223 -18.04 1.52 39.68
C LEU C 223 -18.78 0.62 40.65
N LEU C 224 -18.29 -0.59 40.83
CA LEU C 224 -18.85 -1.53 41.78
C LEU C 224 -17.87 -1.72 42.92
N ASN C 225 -18.35 -1.62 44.15
CA ASN C 225 -17.54 -1.88 45.33
C ASN C 225 -18.43 -2.43 46.45
N ALA C 226 -17.87 -2.57 47.65
CA ALA C 226 -18.61 -3.09 48.79
C ALA C 226 -19.86 -2.28 49.12
N ASN C 227 -19.84 -0.98 48.79
CA ASN C 227 -20.97 -0.09 49.07
C ASN C 227 -22.09 -0.16 48.04
N GLY C 228 -21.84 -0.78 46.89
CA GLY C 228 -22.86 -0.94 45.86
C GLY C 228 -22.38 -0.53 44.48
N THR C 229 -23.31 -0.04 43.66
CA THR C 229 -23.05 0.38 42.28
C THR C 229 -23.14 1.89 42.16
N PHE C 230 -22.18 2.47 41.43
CA PHE C 230 -22.10 3.93 41.24
C PHE C 230 -21.77 4.26 39.80
N TYR C 231 -22.07 5.51 39.43
CA TYR C 231 -21.87 6.00 38.09
C TYR C 231 -21.05 7.28 38.16
N LEU C 232 -19.88 7.23 37.53
CA LEU C 232 -18.94 8.33 37.55
C LEU C 232 -19.00 9.08 36.23
N PHE C 233 -19.47 10.31 36.31
CA PHE C 233 -19.53 11.20 35.16
C PHE C 233 -18.35 12.12 35.19
N LYS C 234 -17.41 11.93 34.26
CA LYS C 234 -16.30 12.85 34.15
C LYS C 234 -16.75 13.94 33.19
N VAL C 235 -16.77 15.18 33.69
CA VAL C 235 -17.25 16.30 32.91
C VAL C 235 -16.20 17.42 32.86
N SER C 236 -16.33 18.30 31.89
CA SER C 236 -15.37 19.39 31.74
C SER C 236 -16.03 20.74 31.46
N HIS C 237 -15.33 21.79 31.88
CA HIS C 237 -15.75 23.17 31.64
C HIS C 237 -14.49 24.02 31.74
N ASN C 238 -14.33 24.95 30.81
CA ASN C 238 -13.17 25.83 30.75
C ASN C 238 -11.89 25.06 30.83
N GLY C 239 -11.86 23.90 30.19
CA GLY C 239 -10.67 23.07 30.16
C GLY C 239 -10.37 22.27 31.42
N GLN C 240 -11.22 22.37 32.44
CA GLN C 240 -10.99 21.64 33.68
CA GLN C 240 -11.02 21.66 33.71
C GLN C 240 -11.97 20.46 33.82
N ASP C 241 -11.46 19.33 34.28
CA ASP C 241 -12.26 18.11 34.49
C ASP C 241 -12.64 17.89 35.94
N LYS C 242 -13.84 17.35 36.15
CA LYS C 242 -14.31 16.95 37.47
C LYS C 242 -15.02 15.62 37.30
N THR C 243 -14.92 14.75 38.28
CA THR C 243 -15.63 13.48 38.24
C THR C 243 -16.68 13.49 39.33
N ILE C 244 -17.94 13.39 38.93
CA ILE C 244 -19.09 13.45 39.83
C ILE C 244 -19.69 12.05 39.95
N THR C 245 -19.88 11.60 41.19
CA THR C 245 -20.39 10.26 41.44
C THR C 245 -21.85 10.25 41.83
N PHE C 246 -22.63 9.44 41.12
CA PHE C 246 -24.04 9.25 41.39
C PHE C 246 -24.29 7.82 41.84
N ASP C 247 -25.23 7.67 42.77
CA ASP C 247 -25.68 6.37 43.23
C ASP C 247 -26.80 5.88 42.30
N VAL C 248 -27.32 4.68 42.57
CA VAL C 248 -28.38 4.10 41.76
C VAL C 248 -29.70 4.87 41.85
N PHE C 249 -29.85 5.75 42.84
CA PHE C 249 -31.07 6.57 42.94
C PHE C 249 -30.95 7.86 42.15
N GLY C 250 -29.83 8.04 41.47
CA GLY C 250 -29.57 9.24 40.68
C GLY C 250 -29.16 10.46 41.51
N ASN C 251 -28.68 10.23 42.73
CA ASN C 251 -28.23 11.33 43.59
C ASN C 251 -26.73 11.38 43.69
N ILE C 252 -26.21 12.60 43.78
CA ILE C 252 -24.79 12.81 43.94
C ILE C 252 -24.34 12.31 45.29
N VAL C 253 -23.25 11.57 45.33
CA VAL C 253 -22.71 11.12 46.61
C VAL C 253 -21.24 11.52 46.69
#